data_2PJQ
#
_entry.id   2PJQ
#
_cell.length_a   79.928
_cell.length_b   167.442
_cell.length_c   63.769
_cell.angle_alpha   90.000
_cell.angle_beta   90.000
_cell.angle_gamma   90.000
#
_symmetry.space_group_name_H-M   'P 21 21 2'
#
loop_
_entity.id
_entity.type
_entity.pdbx_description
1 polymer 'Uncharacterized protein lp_2664'
2 water water
#
_entity_poly.entity_id   1
_entity_poly.type   'polypeptide(L)'
_entity_poly.pdbx_seq_one_letter_code
;(MSE)AGDP(MSE)ITETQLTAIQTYALQKLAHDHSGHGRDHLQRVNRLARRLAKDEGANLNLTLAAAWLHDVIDDKL
(MSE)ANPAKAHQDLIVQLNAQNVTADDQTAIFAIIDH(MSE)SFSKSFNGPQKLSLEGQVVQDADRLDAIGAIGIARAL
YYSGHVGEKIYDPAIAPREH(MSE)TREQYRHQPGTAINHFYEKLFKLAAL(MSE)NTDTAKALAAHRTAV(MSE)HEFV
DQFKAEWTADDKALEHHHHHH
;
_entity_poly.pdbx_strand_id   A,B,C,D
#
# COMPACT_ATOMS: atom_id res chain seq x y z
N MSE A 6 2.75 -30.40 -23.20
CA MSE A 6 4.13 -30.10 -22.73
C MSE A 6 5.02 -29.66 -23.89
O MSE A 6 4.62 -29.70 -25.05
CB MSE A 6 4.72 -31.34 -22.06
CG MSE A 6 3.78 -32.14 -21.17
SE MSE A 6 3.28 -31.26 -19.52
CE MSE A 6 1.38 -31.00 -19.86
N ILE A 7 6.24 -29.25 -23.58
CA ILE A 7 7.18 -28.77 -24.59
C ILE A 7 7.92 -29.85 -25.39
N THR A 8 7.96 -29.68 -26.71
CA THR A 8 8.61 -30.64 -27.61
C THR A 8 10.10 -30.39 -27.75
N GLU A 9 10.84 -31.46 -28.03
CA GLU A 9 12.28 -31.33 -28.18
C GLU A 9 12.64 -30.26 -29.20
N THR A 10 11.73 -29.99 -30.12
CA THR A 10 11.97 -28.99 -31.16
C THR A 10 11.99 -27.59 -30.59
N GLN A 11 11.08 -27.31 -29.67
CA GLN A 11 10.99 -26.00 -29.06
C GLN A 11 12.15 -25.77 -28.10
N LEU A 12 12.64 -26.85 -27.48
CA LEU A 12 13.77 -26.71 -26.58
C LEU A 12 14.90 -26.16 -27.45
N THR A 13 15.36 -26.99 -28.38
CA THR A 13 16.42 -26.63 -29.30
C THR A 13 16.19 -25.23 -29.84
N ALA A 14 14.92 -24.88 -30.08
CA ALA A 14 14.61 -23.54 -30.58
C ALA A 14 14.89 -22.56 -29.43
N ILE A 15 14.44 -22.94 -28.24
CA ILE A 15 14.63 -22.13 -27.06
C ILE A 15 16.11 -21.91 -26.84
N GLN A 16 16.89 -22.97 -26.90
CA GLN A 16 18.32 -22.85 -26.70
C GLN A 16 18.87 -21.74 -27.58
N THR A 17 18.98 -22.03 -28.87
CA THR A 17 19.47 -21.06 -29.84
C THR A 17 19.10 -19.64 -29.40
N TYR A 18 17.81 -19.38 -29.16
CA TYR A 18 17.39 -18.04 -28.73
C TYR A 18 18.31 -17.50 -27.64
N ALA A 19 18.43 -18.25 -26.53
CA ALA A 19 19.27 -17.84 -25.41
C ALA A 19 20.73 -17.62 -25.77
N LEU A 20 21.37 -18.63 -26.35
CA LEU A 20 22.77 -18.53 -26.75
C LEU A 20 23.02 -17.31 -27.62
N GLN A 21 21.97 -16.81 -28.27
CA GLN A 21 22.02 -15.63 -29.15
C GLN A 21 21.38 -14.42 -28.47
N LYS A 22 21.29 -14.47 -27.15
CA LYS A 22 20.69 -13.43 -26.33
C LYS A 22 21.55 -13.32 -25.09
N LEU A 23 22.67 -14.04 -25.11
CA LEU A 23 23.63 -14.07 -24.02
C LEU A 23 25.07 -14.10 -24.57
N ALA A 24 25.19 -13.87 -25.87
CA ALA A 24 26.48 -13.80 -26.51
C ALA A 24 26.85 -12.36 -26.20
N HIS A 25 28.13 -12.08 -25.98
CA HIS A 25 28.57 -10.72 -25.63
C HIS A 25 28.28 -10.38 -24.16
N ASP A 26 28.27 -11.39 -23.29
CA ASP A 26 27.99 -11.15 -21.88
C ASP A 26 29.10 -10.35 -21.19
N HIS A 27 30.24 -11.00 -21.01
CA HIS A 27 31.40 -10.37 -20.39
C HIS A 27 31.27 -10.14 -18.89
N SER A 28 30.32 -10.80 -18.24
CA SER A 28 30.11 -10.65 -16.80
C SER A 28 29.91 -11.97 -16.06
N GLY A 29 30.40 -13.07 -16.64
CA GLY A 29 30.28 -14.36 -15.99
C GLY A 29 28.99 -15.15 -16.17
N HIS A 30 28.16 -14.73 -17.12
CA HIS A 30 26.89 -15.40 -17.39
C HIS A 30 26.62 -15.45 -18.90
N GLY A 31 27.51 -16.07 -19.65
CA GLY A 31 27.29 -16.16 -21.08
C GLY A 31 27.10 -17.60 -21.53
N ARG A 32 27.42 -17.83 -22.79
CA ARG A 32 27.33 -19.14 -23.42
C ARG A 32 27.77 -20.29 -22.49
N ASP A 33 28.97 -20.16 -21.92
CA ASP A 33 29.50 -21.20 -21.07
C ASP A 33 28.68 -21.53 -19.83
N HIS A 34 28.10 -20.51 -19.20
CA HIS A 34 27.28 -20.72 -18.01
C HIS A 34 26.10 -21.57 -18.44
N LEU A 35 25.44 -21.13 -19.50
CA LEU A 35 24.29 -21.85 -20.00
C LEU A 35 24.57 -23.34 -20.25
N GLN A 36 25.57 -23.66 -21.07
CA GLN A 36 25.85 -25.06 -21.35
C GLN A 36 26.17 -25.84 -20.07
N ARG A 37 26.99 -25.27 -19.20
CA ARG A 37 27.31 -25.98 -17.96
C ARG A 37 26.03 -26.25 -17.18
N VAL A 38 25.20 -25.23 -17.00
CA VAL A 38 23.96 -25.43 -16.27
C VAL A 38 23.19 -26.55 -16.95
N ASN A 39 22.97 -26.40 -18.26
CA ASN A 39 22.27 -27.37 -19.09
C ASN A 39 22.65 -28.78 -18.70
N ARG A 40 23.94 -29.06 -18.65
CA ARG A 40 24.44 -30.39 -18.28
C ARG A 40 24.08 -30.81 -16.85
N LEU A 41 24.19 -29.89 -15.90
CA LEU A 41 23.86 -30.20 -14.51
C LEU A 41 22.37 -30.46 -14.38
N ALA A 42 21.57 -29.66 -15.07
CA ALA A 42 20.13 -29.85 -15.06
C ALA A 42 19.82 -31.17 -15.74
N ARG A 43 20.39 -31.38 -16.92
CA ARG A 43 20.18 -32.63 -17.65
C ARG A 43 20.41 -33.81 -16.73
N ARG A 44 21.45 -33.74 -15.91
CA ARG A 44 21.76 -34.83 -15.00
C ARG A 44 20.81 -34.88 -13.81
N LEU A 45 20.77 -33.79 -13.06
CA LEU A 45 19.89 -33.70 -11.91
C LEU A 45 18.49 -34.19 -12.31
N ALA A 46 17.95 -33.64 -13.40
CA ALA A 46 16.60 -33.96 -13.91
C ALA A 46 16.27 -35.44 -14.14
N LYS A 47 17.27 -36.22 -14.53
CA LYS A 47 17.07 -37.63 -14.82
C LYS A 47 17.01 -38.50 -13.56
N ASP A 48 17.51 -37.98 -12.45
CA ASP A 48 17.50 -38.75 -11.21
C ASP A 48 16.29 -38.43 -10.33
N GLU A 49 15.50 -37.44 -10.76
CA GLU A 49 14.30 -37.01 -10.05
C GLU A 49 13.02 -37.43 -10.75
N GLY A 50 13.14 -37.78 -12.03
CA GLY A 50 11.98 -38.18 -12.78
C GLY A 50 11.17 -36.95 -13.15
N ALA A 51 11.89 -35.91 -13.55
CA ALA A 51 11.24 -34.65 -13.91
C ALA A 51 11.18 -34.45 -15.41
N ASN A 52 10.07 -33.87 -15.85
CA ASN A 52 9.86 -33.57 -17.24
C ASN A 52 11.12 -32.85 -17.72
N LEU A 53 11.96 -33.56 -18.47
CA LEU A 53 13.18 -32.97 -18.95
C LEU A 53 13.04 -31.71 -19.81
N ASN A 54 12.10 -31.69 -20.75
CA ASN A 54 11.96 -30.50 -21.60
C ASN A 54 11.62 -29.20 -20.87
N LEU A 55 10.71 -29.26 -19.91
CA LEU A 55 10.29 -28.08 -19.15
C LEU A 55 11.48 -27.55 -18.36
N THR A 56 12.27 -28.48 -17.82
CA THR A 56 13.44 -28.15 -17.05
C THR A 56 14.47 -27.42 -17.92
N LEU A 57 14.93 -28.09 -18.97
CA LEU A 57 15.94 -27.53 -19.86
C LEU A 57 15.49 -26.21 -20.47
N ALA A 58 14.19 -26.06 -20.69
CA ALA A 58 13.65 -24.82 -21.23
C ALA A 58 13.90 -23.72 -20.21
N ALA A 59 13.48 -23.97 -18.97
CA ALA A 59 13.65 -22.98 -17.92
C ALA A 59 15.14 -22.65 -17.81
N ALA A 60 15.95 -23.68 -17.67
CA ALA A 60 17.38 -23.48 -17.53
C ALA A 60 17.94 -22.53 -18.58
N TRP A 61 17.57 -22.73 -19.84
CA TRP A 61 18.10 -21.85 -20.87
C TRP A 61 17.76 -20.39 -20.61
N LEU A 62 16.46 -20.12 -20.54
CA LEU A 62 15.95 -18.76 -20.39
C LEU A 62 16.09 -17.94 -19.10
N HIS A 63 16.45 -18.54 -17.97
CA HIS A 63 16.54 -17.74 -16.75
C HIS A 63 17.58 -16.63 -16.68
N ASP A 64 18.69 -16.74 -17.39
CA ASP A 64 19.69 -15.69 -17.32
C ASP A 64 19.42 -14.63 -18.39
N VAL A 65 18.41 -14.91 -19.21
CA VAL A 65 17.99 -14.02 -20.29
C VAL A 65 17.32 -12.78 -19.71
N ILE A 66 16.78 -12.93 -18.50
CA ILE A 66 16.09 -11.85 -17.82
C ILE A 66 16.96 -11.17 -16.75
N ASP A 67 17.38 -11.92 -15.74
CA ASP A 67 18.20 -11.44 -14.62
C ASP A 67 18.80 -10.04 -14.64
N ALA A 77 13.54 -7.54 -20.90
CA ALA A 77 13.76 -8.97 -21.02
C ALA A 77 12.40 -9.68 -21.08
N HIS A 78 11.64 -9.56 -20.00
CA HIS A 78 10.30 -10.15 -19.89
C HIS A 78 9.56 -10.00 -21.21
N GLN A 79 9.41 -8.74 -21.63
CA GLN A 79 8.74 -8.38 -22.87
C GLN A 79 9.14 -9.35 -23.99
N ASP A 80 10.42 -9.33 -24.34
CA ASP A 80 10.99 -10.19 -25.37
C ASP A 80 10.45 -11.61 -25.36
N LEU A 81 11.04 -12.43 -24.50
CA LEU A 81 10.69 -13.84 -24.36
C LEU A 81 9.23 -14.19 -24.69
N ILE A 82 8.30 -13.51 -24.04
CA ILE A 82 6.87 -13.75 -24.27
C ILE A 82 6.57 -13.89 -25.76
N VAL A 83 7.09 -12.95 -26.56
CA VAL A 83 6.89 -12.94 -28.00
C VAL A 83 7.60 -14.13 -28.67
N GLN A 84 8.78 -14.47 -28.17
CA GLN A 84 9.57 -15.56 -28.74
C GLN A 84 8.91 -16.93 -28.53
N LEU A 85 8.58 -17.23 -27.27
CA LEU A 85 7.95 -18.49 -26.91
C LEU A 85 6.69 -18.73 -27.72
N ASN A 86 5.94 -17.66 -28.00
CA ASN A 86 4.72 -17.77 -28.79
C ASN A 86 5.05 -18.28 -30.19
N ALA A 87 5.93 -17.53 -30.84
CA ALA A 87 6.37 -17.84 -32.18
C ALA A 87 7.02 -19.21 -32.25
N GLN A 88 6.67 -20.08 -31.32
CA GLN A 88 7.24 -21.42 -31.28
C GLN A 88 6.20 -22.47 -30.86
N ASN A 89 4.94 -22.18 -31.14
CA ASN A 89 3.89 -23.10 -30.76
C ASN A 89 4.07 -23.54 -29.34
N VAL A 90 4.46 -22.60 -28.50
CA VAL A 90 4.63 -22.93 -27.12
C VAL A 90 3.25 -23.20 -26.57
N THR A 91 2.93 -22.67 -25.42
CA THR A 91 1.62 -22.90 -24.82
C THR A 91 1.48 -22.13 -23.52
N ALA A 92 0.36 -21.43 -23.36
CA ALA A 92 0.11 -20.65 -22.17
C ALA A 92 0.56 -21.39 -20.92
N ASP A 93 0.13 -22.64 -20.77
CA ASP A 93 0.49 -23.41 -19.59
C ASP A 93 1.98 -23.63 -19.46
N ASP A 94 2.61 -24.16 -20.49
CA ASP A 94 4.04 -24.38 -20.45
C ASP A 94 4.74 -23.05 -20.23
N GLN A 95 4.21 -21.98 -20.83
CA GLN A 95 4.80 -20.66 -20.59
C GLN A 95 4.64 -20.33 -19.10
N THR A 96 3.42 -20.42 -18.57
CA THR A 96 3.21 -20.14 -17.15
C THR A 96 4.14 -21.05 -16.32
N ALA A 97 4.38 -22.24 -16.83
CA ALA A 97 5.23 -23.21 -16.15
C ALA A 97 6.71 -22.79 -16.20
N ILE A 98 7.12 -22.20 -17.31
CA ILE A 98 8.49 -21.73 -17.50
C ILE A 98 8.79 -20.53 -16.61
N PHE A 99 7.80 -19.63 -16.50
CA PHE A 99 7.92 -18.42 -15.68
C PHE A 99 7.82 -18.74 -14.19
N ALA A 100 7.14 -19.83 -13.85
CA ALA A 100 7.01 -20.21 -12.45
C ALA A 100 8.43 -20.45 -11.96
N ILE A 101 9.25 -21.02 -12.84
CA ILE A 101 10.64 -21.29 -12.53
C ILE A 101 11.41 -19.97 -12.69
N ILE A 102 11.86 -19.70 -13.91
CA ILE A 102 12.58 -18.47 -14.23
C ILE A 102 12.25 -17.21 -13.40
N ASP A 103 11.04 -17.09 -12.86
CA ASP A 103 10.64 -15.90 -12.10
C ASP A 103 10.69 -16.00 -10.58
N HIS A 104 11.03 -17.17 -10.03
CA HIS A 104 11.05 -17.34 -8.58
C HIS A 104 12.21 -18.18 -8.11
N MSE A 105 13.30 -18.20 -8.84
CA MSE A 105 14.40 -19.03 -8.42
C MSE A 105 15.66 -18.27 -7.97
O MSE A 105 16.53 -18.84 -7.31
CB MSE A 105 14.74 -20.01 -9.53
CG MSE A 105 14.90 -19.35 -10.87
SE MSE A 105 15.70 -20.55 -12.15
CE MSE A 105 17.56 -20.20 -11.68
N SER A 106 15.76 -16.98 -8.31
CA SER A 106 16.91 -16.16 -7.98
C SER A 106 17.28 -16.19 -6.51
N PHE A 107 18.56 -15.96 -6.25
CA PHE A 107 19.03 -15.94 -4.89
C PHE A 107 18.46 -14.67 -4.26
N SER A 108 18.27 -13.64 -5.08
CA SER A 108 17.74 -12.36 -4.61
C SER A 108 16.39 -12.57 -3.96
N LYS A 109 15.50 -13.22 -4.72
CA LYS A 109 14.16 -13.49 -4.25
C LYS A 109 14.15 -14.17 -2.91
N SER A 110 15.23 -14.90 -2.60
CA SER A 110 15.33 -15.63 -1.34
C SER A 110 15.19 -14.66 -0.20
N PHE A 111 15.58 -13.41 -0.45
CA PHE A 111 15.49 -12.37 0.57
C PHE A 111 14.04 -12.03 0.87
N ASN A 112 13.15 -12.20 -0.12
CA ASN A 112 11.74 -11.93 0.07
C ASN A 112 11.09 -13.07 0.82
N GLY A 113 11.88 -14.11 1.08
CA GLY A 113 11.34 -15.25 1.79
C GLY A 113 11.35 -16.43 0.84
N PRO A 114 11.36 -17.65 1.38
CA PRO A 114 11.38 -18.84 0.51
C PRO A 114 10.19 -18.91 -0.46
N GLN A 115 10.49 -19.06 -1.74
CA GLN A 115 9.46 -19.20 -2.77
C GLN A 115 9.51 -20.69 -3.15
N LYS A 116 8.39 -21.39 -3.12
CA LYS A 116 8.38 -22.81 -3.47
C LYS A 116 8.22 -23.02 -4.98
N LEU A 117 8.99 -23.97 -5.50
CA LEU A 117 9.02 -24.28 -6.93
C LEU A 117 8.41 -25.61 -7.32
N SER A 118 8.33 -25.82 -8.63
CA SER A 118 7.80 -27.05 -9.19
C SER A 118 8.80 -28.11 -8.76
N LEU A 119 9.13 -28.99 -9.68
CA LEU A 119 10.10 -30.02 -9.40
C LEU A 119 11.18 -29.78 -10.45
N GLU A 120 10.76 -29.26 -11.60
CA GLU A 120 11.69 -28.93 -12.68
C GLU A 120 12.35 -27.65 -12.20
N GLY A 121 11.54 -26.80 -11.58
CA GLY A 121 12.04 -25.54 -11.06
C GLY A 121 13.13 -25.81 -10.06
N GLN A 122 12.89 -26.73 -9.13
CA GLN A 122 13.91 -27.04 -8.16
C GLN A 122 15.17 -27.57 -8.85
N VAL A 123 15.08 -28.61 -9.67
CA VAL A 123 16.26 -29.11 -10.36
C VAL A 123 17.04 -27.94 -11.01
N VAL A 124 16.30 -27.10 -11.75
CA VAL A 124 16.90 -25.94 -12.41
C VAL A 124 17.60 -25.06 -11.40
N GLN A 125 16.92 -24.79 -10.29
CA GLN A 125 17.49 -23.95 -9.26
C GLN A 125 18.80 -24.59 -8.84
N ASP A 126 18.74 -25.88 -8.53
CA ASP A 126 19.90 -26.67 -8.12
C ASP A 126 21.00 -26.45 -9.14
N ALA A 127 20.62 -26.55 -10.41
CA ALA A 127 21.56 -26.41 -11.53
C ALA A 127 22.24 -25.05 -11.60
N ASP A 128 21.46 -23.99 -11.60
CA ASP A 128 22.04 -22.68 -11.67
C ASP A 128 22.91 -22.44 -10.44
N ARG A 129 22.46 -22.93 -9.28
CA ARG A 129 23.21 -22.75 -8.04
C ARG A 129 24.55 -23.48 -8.09
N LEU A 130 24.51 -24.72 -8.55
CA LEU A 130 25.70 -25.56 -8.66
C LEU A 130 26.82 -24.92 -9.48
N ASP A 131 26.47 -24.12 -10.48
CA ASP A 131 27.47 -23.45 -11.30
C ASP A 131 27.94 -22.18 -10.61
N ALA A 132 27.48 -21.94 -9.40
CA ALA A 132 27.89 -20.74 -8.68
C ALA A 132 28.91 -21.08 -7.58
N ILE A 133 29.28 -22.36 -7.50
CA ILE A 133 30.22 -22.78 -6.47
C ILE A 133 31.30 -23.66 -7.07
N GLY A 134 32.25 -24.11 -6.24
CA GLY A 134 33.32 -24.92 -6.76
C GLY A 134 34.42 -24.02 -7.30
N ALA A 135 35.32 -24.58 -8.08
CA ALA A 135 36.43 -23.81 -8.63
C ALA A 135 35.91 -22.81 -9.63
N ILE A 136 34.94 -23.24 -10.43
CA ILE A 136 34.32 -22.35 -11.39
C ILE A 136 33.53 -21.23 -10.68
N GLY A 137 33.02 -21.55 -9.49
CA GLY A 137 32.28 -20.56 -8.74
C GLY A 137 33.17 -19.41 -8.30
N ILE A 138 34.39 -19.73 -7.85
CA ILE A 138 35.34 -18.71 -7.43
C ILE A 138 35.66 -17.83 -8.62
N ALA A 139 36.01 -18.49 -9.72
CA ALA A 139 36.38 -17.81 -10.95
C ALA A 139 35.34 -16.81 -11.45
N ARG A 140 34.09 -17.22 -11.48
CA ARG A 140 33.03 -16.36 -11.97
C ARG A 140 32.77 -15.21 -11.03
N ALA A 141 32.94 -15.46 -9.74
CA ALA A 141 32.69 -14.44 -8.73
C ALA A 141 33.70 -13.30 -8.84
N LEU A 142 34.95 -13.65 -9.07
CA LEU A 142 36.01 -12.66 -9.20
C LEU A 142 35.97 -12.03 -10.59
N TYR A 143 35.81 -12.85 -11.62
CA TYR A 143 35.73 -12.36 -12.99
C TYR A 143 34.67 -11.28 -12.99
N TYR A 144 33.58 -11.55 -12.29
CA TYR A 144 32.54 -10.57 -12.19
C TYR A 144 33.05 -9.34 -11.42
N SER A 145 33.60 -9.56 -10.23
CA SER A 145 34.10 -8.44 -9.43
C SER A 145 35.02 -7.49 -10.22
N GLY A 146 35.92 -8.06 -11.01
CA GLY A 146 36.81 -7.23 -11.80
C GLY A 146 36.12 -6.58 -12.99
N HIS A 147 35.11 -7.25 -13.55
CA HIS A 147 34.41 -6.67 -14.68
C HIS A 147 33.59 -5.47 -14.25
N VAL A 148 33.35 -5.37 -12.95
CA VAL A 148 32.53 -4.29 -12.41
C VAL A 148 33.28 -3.29 -11.53
N GLY A 149 34.48 -3.65 -11.09
CA GLY A 149 35.26 -2.76 -10.25
C GLY A 149 34.91 -2.91 -8.79
N GLU A 150 34.19 -3.96 -8.46
CA GLU A 150 33.83 -4.22 -7.09
C GLU A 150 35.16 -4.53 -6.45
N LYS A 151 35.31 -4.25 -5.16
CA LYS A 151 36.58 -4.54 -4.50
C LYS A 151 36.64 -6.04 -4.24
N ILE A 152 37.86 -6.59 -4.22
CA ILE A 152 38.02 -8.01 -3.96
C ILE A 152 37.72 -8.21 -2.48
N TYR A 153 38.51 -7.54 -1.63
CA TYR A 153 38.37 -7.64 -0.20
C TYR A 153 38.61 -6.31 0.49
N ASP A 154 37.83 -6.04 1.53
CA ASP A 154 37.98 -4.81 2.30
C ASP A 154 37.71 -5.16 3.76
N PRO A 155 38.74 -5.05 4.61
CA PRO A 155 38.61 -5.36 6.03
C PRO A 155 37.67 -4.39 6.75
N ALA A 156 37.39 -3.28 6.09
CA ALA A 156 36.51 -2.26 6.64
C ALA A 156 35.16 -2.26 5.95
N ILE A 157 34.75 -3.42 5.46
CA ILE A 157 33.44 -3.62 4.82
C ILE A 157 33.05 -5.07 5.12
N ALA A 158 32.61 -5.28 6.35
CA ALA A 158 32.21 -6.60 6.83
C ALA A 158 31.06 -7.13 6.02
N PRO A 159 30.92 -8.47 5.94
CA PRO A 159 29.80 -9.01 5.17
C PRO A 159 28.44 -8.72 5.82
N ARG A 160 27.46 -8.35 5.00
CA ARG A 160 26.11 -8.04 5.48
C ARG A 160 25.33 -9.28 5.94
N GLU A 161 24.85 -9.20 7.17
CA GLU A 161 24.12 -10.28 7.83
C GLU A 161 22.62 -10.49 7.55
N HIS A 162 21.84 -9.42 7.47
CA HIS A 162 20.40 -9.57 7.25
C HIS A 162 19.84 -8.55 6.25
N MSE A 163 20.26 -8.70 5.01
CA MSE A 163 19.87 -7.80 3.93
C MSE A 163 18.44 -7.93 3.41
O MSE A 163 17.68 -8.82 3.79
CB MSE A 163 20.80 -8.02 2.75
CG MSE A 163 22.17 -8.52 3.14
SE MSE A 163 23.12 -8.94 1.54
CE MSE A 163 23.40 -7.14 0.93
N THR A 164 18.10 -7.01 2.52
CA THR A 164 16.79 -6.98 1.87
C THR A 164 17.08 -7.14 0.36
N ARG A 165 16.10 -7.61 -0.39
CA ARG A 165 16.32 -7.80 -1.83
C ARG A 165 16.96 -6.55 -2.43
N GLU A 166 16.55 -5.38 -1.94
CA GLU A 166 17.13 -4.15 -2.49
C GLU A 166 18.61 -4.15 -2.18
N GLN A 167 18.94 -4.10 -0.90
CA GLN A 167 20.33 -4.09 -0.50
C GLN A 167 21.12 -5.08 -1.36
N TYR A 168 20.66 -6.33 -1.39
CA TYR A 168 21.37 -7.34 -2.17
C TYR A 168 21.51 -7.02 -3.64
N ARG A 169 20.43 -6.55 -4.25
CA ARG A 169 20.44 -6.23 -5.67
C ARG A 169 21.07 -4.89 -6.06
N HIS A 170 20.88 -3.86 -5.23
CA HIS A 170 21.40 -2.53 -5.54
C HIS A 170 22.69 -2.03 -4.86
N GLN A 171 23.01 -2.52 -3.67
CA GLN A 171 24.23 -2.08 -2.96
C GLN A 171 25.43 -3.03 -3.20
N PRO A 172 26.57 -2.49 -3.66
CA PRO A 172 27.73 -3.37 -3.91
C PRO A 172 28.62 -3.68 -2.68
N GLY A 173 29.17 -4.88 -2.67
CA GLY A 173 30.05 -5.33 -1.60
C GLY A 173 31.31 -5.93 -2.19
N THR A 174 32.19 -6.51 -1.38
CA THR A 174 33.42 -7.09 -1.91
C THR A 174 33.32 -8.53 -2.44
N ALA A 175 34.23 -8.86 -3.36
CA ALA A 175 34.30 -10.19 -3.95
C ALA A 175 34.33 -11.22 -2.82
N ILE A 176 35.14 -10.95 -1.81
CA ILE A 176 35.24 -11.87 -0.67
C ILE A 176 33.92 -11.99 0.08
N ASN A 177 33.28 -10.86 0.38
CA ASN A 177 32.01 -10.88 1.11
C ASN A 177 30.93 -11.64 0.36
N HIS A 178 31.13 -11.83 -0.94
CA HIS A 178 30.14 -12.53 -1.74
C HIS A 178 30.02 -13.98 -1.35
N PHE A 179 31.10 -14.58 -0.85
CA PHE A 179 31.08 -15.98 -0.43
C PHE A 179 30.31 -16.15 0.86
N TYR A 180 30.54 -15.20 1.75
CA TYR A 180 29.89 -15.25 3.03
C TYR A 180 28.43 -14.95 2.86
N GLU A 181 28.13 -14.01 1.97
CA GLU A 181 26.76 -13.59 1.71
C GLU A 181 25.89 -14.49 0.83
N LYS A 182 26.51 -15.24 -0.07
CA LYS A 182 25.76 -16.10 -0.97
C LYS A 182 26.37 -17.50 -1.18
N LEU A 183 27.56 -17.55 -1.76
CA LEU A 183 28.20 -18.80 -2.05
C LEU A 183 28.23 -19.82 -0.88
N PHE A 184 28.55 -19.38 0.32
CA PHE A 184 28.57 -20.33 1.44
C PHE A 184 27.19 -20.88 1.78
N LYS A 185 26.14 -20.11 1.50
CA LYS A 185 24.77 -20.51 1.82
C LYS A 185 24.12 -21.46 0.81
N LEU A 186 24.77 -21.70 -0.31
CA LEU A 186 24.16 -22.54 -1.33
C LEU A 186 23.94 -24.04 -1.07
N ALA A 187 24.98 -24.83 -0.91
CA ALA A 187 24.81 -26.27 -0.64
C ALA A 187 23.66 -26.62 0.32
N ALA A 188 23.38 -25.72 1.27
CA ALA A 188 22.33 -25.97 2.26
C ALA A 188 20.94 -25.74 1.70
N LEU A 189 20.86 -24.93 0.67
CA LEU A 189 19.59 -24.62 0.01
C LEU A 189 19.30 -25.59 -1.14
N MSE A 190 20.29 -26.41 -1.48
CA MSE A 190 20.18 -27.38 -2.55
C MSE A 190 18.91 -28.24 -2.35
O MSE A 190 18.57 -28.55 -1.21
CB MSE A 190 21.43 -28.26 -2.54
CG MSE A 190 22.16 -28.42 -3.86
SE MSE A 190 22.49 -26.77 -4.78
CE MSE A 190 24.11 -26.19 -3.92
N ASN A 191 18.21 -28.59 -3.42
CA ASN A 191 16.96 -29.39 -3.32
C ASN A 191 17.09 -30.88 -3.63
N THR A 192 17.74 -31.21 -4.74
CA THR A 192 17.94 -32.61 -5.11
C THR A 192 18.91 -33.21 -4.11
N ASP A 193 18.87 -34.53 -3.95
CA ASP A 193 19.80 -35.17 -3.04
C ASP A 193 21.12 -35.24 -3.79
N THR A 194 21.03 -35.42 -5.11
CA THR A 194 22.20 -35.49 -5.96
C THR A 194 22.96 -34.18 -5.95
N ALA A 195 22.24 -33.06 -5.97
CA ALA A 195 22.88 -31.76 -5.95
C ALA A 195 23.58 -31.58 -4.60
N LYS A 196 22.84 -31.81 -3.51
CA LYS A 196 23.40 -31.68 -2.17
C LYS A 196 24.75 -32.39 -2.12
N ALA A 197 24.83 -33.51 -2.81
CA ALA A 197 26.07 -34.29 -2.84
C ALA A 197 27.16 -33.59 -3.64
N LEU A 198 26.83 -33.13 -4.84
CA LEU A 198 27.81 -32.47 -5.70
C LEU A 198 28.34 -31.20 -5.03
N ALA A 199 27.50 -30.56 -4.25
CA ALA A 199 27.88 -29.33 -3.59
C ALA A 199 28.91 -29.50 -2.49
N ALA A 200 28.91 -30.65 -1.84
CA ALA A 200 29.83 -30.90 -0.73
C ALA A 200 31.27 -30.51 -1.01
N HIS A 201 31.91 -31.17 -1.96
CA HIS A 201 33.29 -30.86 -2.28
C HIS A 201 33.40 -29.47 -2.89
N ARG A 202 32.48 -29.16 -3.80
CA ARG A 202 32.46 -27.87 -4.45
C ARG A 202 32.40 -26.74 -3.42
N THR A 203 31.93 -27.02 -2.21
CA THR A 203 31.89 -25.98 -1.19
C THR A 203 33.15 -26.00 -0.33
N ALA A 204 33.70 -27.18 -0.09
CA ALA A 204 34.94 -27.25 0.67
C ALA A 204 35.99 -26.42 -0.06
N VAL A 205 36.05 -26.57 -1.38
CA VAL A 205 36.99 -25.84 -2.23
C VAL A 205 36.95 -24.33 -1.94
N MSE A 206 35.76 -23.78 -1.87
CA MSE A 206 35.59 -22.35 -1.61
C MSE A 206 36.03 -21.93 -0.22
O MSE A 206 36.57 -20.84 -0.05
CB MSE A 206 34.13 -21.99 -1.79
CG MSE A 206 33.53 -22.49 -3.05
SE MSE A 206 31.95 -21.50 -3.29
CE MSE A 206 32.34 -20.69 -4.98
N HIS A 207 35.76 -22.76 0.79
CA HIS A 207 36.18 -22.41 2.12
C HIS A 207 37.70 -22.44 2.18
N GLU A 208 38.30 -23.39 1.46
CA GLU A 208 39.75 -23.50 1.43
C GLU A 208 40.28 -22.27 0.74
N PHE A 209 39.66 -21.91 -0.37
CA PHE A 209 40.09 -20.73 -1.11
C PHE A 209 40.09 -19.49 -0.20
N VAL A 210 38.97 -19.27 0.49
CA VAL A 210 38.87 -18.09 1.36
C VAL A 210 39.81 -18.13 2.56
N ASP A 211 39.97 -19.30 3.20
CA ASP A 211 40.88 -19.41 4.36
C ASP A 211 42.29 -18.99 3.97
N GLN A 212 42.80 -19.58 2.88
CA GLN A 212 44.15 -19.30 2.37
C GLN A 212 44.30 -17.83 2.04
N PHE A 213 43.22 -17.25 1.53
CA PHE A 213 43.19 -15.84 1.16
C PHE A 213 43.42 -14.97 2.41
N LYS A 214 42.45 -14.94 3.32
CA LYS A 214 42.57 -14.12 4.53
C LYS A 214 43.89 -14.38 5.25
N ALA A 215 44.42 -15.60 5.14
CA ALA A 215 45.70 -15.87 5.77
C ALA A 215 46.74 -15.14 4.93
N GLU A 216 46.72 -15.37 3.63
CA GLU A 216 47.68 -14.71 2.75
C GLU A 216 47.57 -13.21 2.87
N TRP A 217 46.37 -12.72 3.14
CA TRP A 217 46.18 -11.28 3.23
C TRP A 217 47.02 -10.71 4.34
N THR A 218 46.68 -11.15 5.56
CA THR A 218 47.34 -10.78 6.81
C THR A 218 48.84 -10.87 6.76
N ALA A 219 49.34 -12.02 6.34
CA ALA A 219 50.77 -12.24 6.27
C ALA A 219 51.35 -11.19 5.36
N ASP A 220 50.47 -10.42 4.72
CA ASP A 220 50.86 -9.35 3.81
C ASP A 220 50.23 -7.99 4.10
N MSE B 6 -5.43 -14.67 38.57
CA MSE B 6 -5.29 -14.00 37.24
C MSE B 6 -6.65 -13.97 36.55
O MSE B 6 -7.67 -13.97 37.22
CB MSE B 6 -4.27 -14.76 36.38
CG MSE B 6 -2.88 -14.88 36.97
SE MSE B 6 -2.09 -13.13 37.33
CE MSE B 6 -2.63 -12.90 39.18
N ILE B 7 -6.64 -13.94 35.22
CA ILE B 7 -7.89 -13.91 34.48
C ILE B 7 -8.46 -15.32 34.47
N THR B 8 -9.69 -15.45 34.96
CA THR B 8 -10.35 -16.74 35.03
C THR B 8 -11.04 -17.16 33.74
N GLU B 9 -11.16 -18.47 33.56
CA GLU B 9 -11.77 -19.03 32.38
C GLU B 9 -13.17 -18.47 32.09
N THR B 10 -13.85 -18.04 33.15
CA THR B 10 -15.19 -17.47 33.00
C THR B 10 -15.09 -16.07 32.47
N GLN B 11 -14.13 -15.33 33.01
CA GLN B 11 -13.94 -13.96 32.59
C GLN B 11 -13.44 -14.00 31.17
N LEU B 12 -12.57 -14.97 30.87
CA LEU B 12 -12.02 -15.08 29.53
C LEU B 12 -13.18 -15.15 28.55
N THR B 13 -13.99 -16.19 28.68
CA THR B 13 -15.14 -16.39 27.81
C THR B 13 -15.95 -15.11 27.68
N ALA B 14 -16.19 -14.44 28.81
CA ALA B 14 -16.98 -13.21 28.80
C ALA B 14 -16.35 -12.21 27.85
N ILE B 15 -15.04 -12.00 28.01
CA ILE B 15 -14.29 -11.08 27.18
C ILE B 15 -14.41 -11.44 25.71
N GLN B 16 -14.41 -12.75 25.44
CA GLN B 16 -14.52 -13.24 24.07
C GLN B 16 -15.88 -12.77 23.56
N THR B 17 -16.90 -13.08 24.36
CA THR B 17 -18.25 -12.71 24.03
C THR B 17 -18.29 -11.22 23.81
N TYR B 18 -17.73 -10.46 24.73
CA TYR B 18 -17.74 -9.02 24.59
C TYR B 18 -17.11 -8.57 23.28
N ALA B 19 -15.91 -9.08 23.02
CA ALA B 19 -15.16 -8.73 21.82
C ALA B 19 -15.97 -8.97 20.55
N LEU B 20 -16.35 -10.23 20.30
CA LEU B 20 -17.11 -10.57 19.10
C LEU B 20 -18.39 -9.72 18.92
N GLN B 21 -19.07 -9.36 19.99
CA GLN B 21 -20.26 -8.53 19.82
C GLN B 21 -19.89 -7.16 19.27
N LYS B 22 -18.95 -6.47 19.93
CA LYS B 22 -18.53 -5.15 19.54
C LYS B 22 -17.93 -5.08 18.15
N LEU B 23 -17.55 -6.22 17.58
CA LEU B 23 -16.96 -6.21 16.25
C LEU B 23 -17.86 -6.79 15.18
N ALA B 24 -19.14 -6.92 15.49
CA ALA B 24 -20.08 -7.41 14.51
C ALA B 24 -20.33 -6.21 13.59
N HIS B 25 -20.59 -6.47 12.32
CA HIS B 25 -20.82 -5.38 11.38
C HIS B 25 -19.52 -4.56 11.28
N ASP B 26 -18.38 -5.22 11.33
CA ASP B 26 -17.11 -4.51 11.25
C ASP B 26 -16.88 -3.91 9.87
N HIS B 27 -16.76 -4.77 8.86
CA HIS B 27 -16.55 -4.33 7.47
C HIS B 27 -15.28 -3.53 7.19
N SER B 28 -14.23 -3.77 7.96
CA SER B 28 -12.96 -3.07 7.79
C SER B 28 -11.81 -4.07 7.79
N GLY B 29 -12.13 -5.32 8.09
CA GLY B 29 -11.12 -6.36 8.14
C GLY B 29 -10.69 -6.62 9.57
N HIS B 30 -11.65 -6.53 10.47
CA HIS B 30 -11.34 -6.74 11.88
C HIS B 30 -12.55 -7.36 12.56
N GLY B 31 -13.25 -8.21 11.82
CA GLY B 31 -14.43 -8.87 12.34
C GLY B 31 -14.07 -10.19 12.97
N ARG B 32 -15.06 -11.05 13.14
CA ARG B 32 -14.88 -12.34 13.78
C ARG B 32 -13.82 -13.29 13.25
N ASP B 33 -13.59 -13.36 11.94
CA ASP B 33 -12.56 -14.25 11.40
C ASP B 33 -11.17 -13.80 11.87
N HIS B 34 -10.90 -12.51 11.67
CA HIS B 34 -9.64 -11.87 12.09
C HIS B 34 -9.42 -12.26 13.55
N LEU B 35 -10.36 -11.87 14.39
CA LEU B 35 -10.32 -12.16 15.82
C LEU B 35 -10.04 -13.61 16.17
N GLN B 36 -10.64 -14.52 15.42
CA GLN B 36 -10.46 -15.95 15.66
C GLN B 36 -9.09 -16.40 15.21
N ARG B 37 -8.65 -15.90 14.05
CA ARG B 37 -7.33 -16.27 13.55
C ARG B 37 -6.25 -15.82 14.53
N VAL B 38 -6.33 -14.55 14.96
CA VAL B 38 -5.37 -14.05 15.91
C VAL B 38 -5.47 -14.91 17.16
N ASN B 39 -6.68 -15.10 17.67
CA ASN B 39 -6.85 -15.90 18.87
C ASN B 39 -6.09 -17.20 18.74
N ARG B 40 -6.50 -18.03 17.80
CA ARG B 40 -5.88 -19.31 17.55
C ARG B 40 -4.34 -19.23 17.40
N LEU B 41 -3.85 -18.09 16.90
CA LEU B 41 -2.41 -17.86 16.74
C LEU B 41 -1.78 -17.55 18.09
N ALA B 42 -2.48 -16.70 18.86
CA ALA B 42 -2.01 -16.29 20.18
C ALA B 42 -1.82 -17.52 21.04
N ARG B 43 -2.80 -18.42 20.99
CA ARG B 43 -2.76 -19.63 21.79
C ARG B 43 -1.57 -20.51 21.47
N ARG B 44 -1.31 -20.76 20.19
CA ARG B 44 -0.15 -21.59 19.89
C ARG B 44 1.14 -20.92 20.37
N LEU B 45 1.31 -19.66 19.99
CA LEU B 45 2.49 -18.88 20.35
C LEU B 45 2.69 -18.77 21.86
N ALA B 46 1.62 -18.55 22.60
CA ALA B 46 1.74 -18.41 24.05
C ALA B 46 2.34 -19.70 24.61
N LYS B 47 1.78 -20.84 24.21
CA LYS B 47 2.28 -22.11 24.69
C LYS B 47 3.74 -22.35 24.34
N ASP B 48 4.10 -22.13 23.09
CA ASP B 48 5.47 -22.31 22.67
C ASP B 48 6.42 -21.49 23.54
N GLU B 49 5.98 -20.31 23.98
CA GLU B 49 6.81 -19.44 24.81
C GLU B 49 6.61 -19.59 26.31
N GLY B 50 5.55 -20.29 26.72
CA GLY B 50 5.31 -20.44 28.14
C GLY B 50 4.79 -19.13 28.69
N ALA B 51 3.82 -18.57 28.01
CA ALA B 51 3.24 -17.30 28.43
C ALA B 51 1.94 -17.58 29.14
N ASN B 52 1.54 -16.66 30.02
CA ASN B 52 0.28 -16.81 30.71
C ASN B 52 -0.79 -16.82 29.60
N LEU B 53 -1.55 -17.91 29.53
CA LEU B 53 -2.57 -18.04 28.51
C LEU B 53 -3.70 -17.03 28.57
N ASN B 54 -4.52 -17.12 29.62
CA ASN B 54 -5.67 -16.22 29.81
C ASN B 54 -5.45 -14.72 29.71
N LEU B 55 -4.28 -14.22 30.10
CA LEU B 55 -4.03 -12.79 30.00
C LEU B 55 -3.87 -12.52 28.51
N THR B 56 -3.07 -13.37 27.87
CA THR B 56 -2.75 -13.26 26.44
C THR B 56 -3.98 -13.18 25.55
N LEU B 57 -4.81 -14.22 25.58
CA LEU B 57 -5.99 -14.24 24.72
C LEU B 57 -6.87 -13.06 25.04
N ALA B 58 -7.04 -12.80 26.34
CA ALA B 58 -7.86 -11.69 26.79
C ALA B 58 -7.41 -10.44 26.04
N ALA B 59 -6.13 -10.11 26.17
CA ALA B 59 -5.59 -8.94 25.49
C ALA B 59 -5.68 -9.13 23.99
N ALA B 60 -5.63 -10.36 23.53
CA ALA B 60 -5.71 -10.61 22.09
C ALA B 60 -7.11 -10.27 21.61
N TRP B 61 -8.10 -10.74 22.35
CA TRP B 61 -9.51 -10.51 22.02
C TRP B 61 -9.84 -9.03 22.02
N LEU B 62 -9.29 -8.32 22.99
CA LEU B 62 -9.59 -6.90 23.17
C LEU B 62 -8.78 -5.81 22.51
N HIS B 63 -7.75 -6.13 21.73
CA HIS B 63 -6.98 -5.04 21.11
C HIS B 63 -7.75 -4.16 20.13
N ASP B 64 -8.47 -4.77 19.19
CA ASP B 64 -9.19 -4.00 18.21
C ASP B 64 -10.42 -3.26 18.75
N VAL B 65 -11.01 -3.76 19.80
CA VAL B 65 -12.22 -3.17 20.38
C VAL B 65 -12.01 -1.77 20.74
N ILE B 66 -10.77 -1.50 20.91
CA ILE B 66 -10.56 -0.19 21.31
C ILE B 66 -9.63 0.62 20.56
N LEU B 70 -10.09 2.36 14.04
CA LEU B 70 -11.36 1.64 13.81
C LEU B 70 -12.37 2.21 14.67
N MSE B 71 -12.04 3.14 15.52
CA MSE B 71 -13.07 3.43 16.42
C MSE B 71 -13.25 4.82 16.25
O MSE B 71 -12.27 5.53 16.44
CB MSE B 71 -12.58 3.26 17.79
CG MSE B 71 -13.10 2.02 18.48
SE MSE B 71 -14.65 0.93 17.99
CE MSE B 71 -13.53 -0.46 17.16
N ALA B 72 -14.47 5.20 15.94
CA ALA B 72 -14.76 6.58 15.79
C ALA B 72 -14.42 7.28 17.10
N ASN B 73 -15.08 6.88 18.19
CA ASN B 73 -14.81 7.49 19.49
C ASN B 73 -14.04 6.52 20.37
N PRO B 74 -12.70 6.63 20.38
CA PRO B 74 -11.90 5.72 21.22
C PRO B 74 -12.23 5.87 22.69
N ALA B 75 -12.22 7.11 23.17
CA ALA B 75 -12.55 7.40 24.56
C ALA B 75 -13.74 6.54 24.94
N LYS B 76 -14.86 6.81 24.29
CA LYS B 76 -16.10 6.08 24.49
C LYS B 76 -15.84 4.59 24.56
N ALA B 77 -14.98 4.10 23.67
CA ALA B 77 -14.67 2.69 23.63
C ALA B 77 -13.93 2.26 24.87
N HIS B 78 -12.87 2.96 25.22
CA HIS B 78 -12.13 2.63 26.43
C HIS B 78 -13.11 2.61 27.59
N GLN B 79 -13.84 3.71 27.77
CA GLN B 79 -14.80 3.78 28.86
C GLN B 79 -15.89 2.72 28.77
N ASP B 80 -15.91 1.95 27.68
CA ASP B 80 -16.90 0.87 27.57
C ASP B 80 -16.28 -0.43 28.06
N LEU B 81 -15.09 -0.75 27.56
CA LEU B 81 -14.40 -1.98 27.96
C LEU B 81 -14.25 -2.11 29.47
N ILE B 82 -14.07 -0.99 30.17
CA ILE B 82 -13.93 -1.08 31.63
C ILE B 82 -15.28 -1.51 32.22
N VAL B 83 -16.35 -0.86 31.78
CA VAL B 83 -17.67 -1.21 32.26
C VAL B 83 -17.81 -2.71 32.14
N GLN B 84 -17.26 -3.29 31.08
CA GLN B 84 -17.34 -4.74 30.89
C GLN B 84 -16.39 -5.50 31.84
N LEU B 85 -15.13 -5.12 31.83
CA LEU B 85 -14.19 -5.78 32.72
C LEU B 85 -14.67 -5.63 34.15
N ASN B 86 -15.21 -4.47 34.50
CA ASN B 86 -15.70 -4.30 35.87
C ASN B 86 -16.88 -5.23 36.10
N ALA B 87 -17.83 -5.25 35.18
CA ALA B 87 -18.99 -6.13 35.32
C ALA B 87 -18.56 -7.59 35.44
N GLN B 88 -17.30 -7.91 35.10
CA GLN B 88 -16.80 -9.28 35.18
C GLN B 88 -15.82 -9.50 36.35
N ASN B 89 -15.79 -8.56 37.27
CA ASN B 89 -14.92 -8.65 38.44
C ASN B 89 -13.48 -8.95 38.08
N VAL B 90 -13.02 -8.45 36.95
CA VAL B 90 -11.63 -8.68 36.59
C VAL B 90 -10.85 -7.85 37.62
N THR B 91 -9.79 -8.39 38.21
CA THR B 91 -9.07 -7.61 39.23
C THR B 91 -8.36 -6.38 38.71
N ALA B 92 -8.13 -5.40 39.59
CA ALA B 92 -7.46 -4.17 39.19
C ALA B 92 -6.18 -4.49 38.44
N ASP B 93 -5.24 -5.10 39.15
CA ASP B 93 -3.95 -5.45 38.57
C ASP B 93 -4.14 -6.13 37.21
N ASP B 94 -5.12 -7.03 37.12
CA ASP B 94 -5.37 -7.71 35.85
C ASP B 94 -5.84 -6.73 34.78
N GLN B 95 -6.70 -5.78 35.16
CA GLN B 95 -7.17 -4.76 34.23
C GLN B 95 -5.99 -3.92 33.75
N THR B 96 -5.07 -3.61 34.67
CA THR B 96 -3.88 -2.85 34.32
C THR B 96 -3.07 -3.62 33.28
N ALA B 97 -2.84 -4.91 33.53
CA ALA B 97 -2.04 -5.72 32.61
C ALA B 97 -2.64 -5.86 31.21
N ILE B 98 -3.93 -5.62 31.08
CA ILE B 98 -4.63 -5.72 29.80
C ILE B 98 -4.40 -4.47 28.97
N PHE B 99 -4.43 -3.30 29.58
CA PHE B 99 -4.20 -2.08 28.81
C PHE B 99 -2.73 -1.94 28.54
N ALA B 100 -1.94 -2.49 29.45
CA ALA B 100 -0.49 -2.48 29.34
C ALA B 100 -0.12 -3.01 27.97
N ILE B 101 -0.84 -4.05 27.55
CA ILE B 101 -0.59 -4.65 26.24
C ILE B 101 -1.23 -3.82 25.13
N ILE B 102 -2.49 -4.10 24.89
CA ILE B 102 -3.26 -3.40 23.87
C ILE B 102 -2.74 -2.02 23.53
N ASP B 103 -2.73 -1.14 24.52
CA ASP B 103 -2.31 0.24 24.30
C ASP B 103 -0.84 0.54 24.00
N HIS B 104 0.04 -0.46 24.11
CA HIS B 104 1.47 -0.25 23.86
C HIS B 104 2.10 -1.38 23.06
N MSE B 105 1.42 -1.81 22.02
CA MSE B 105 1.92 -2.90 21.18
C MSE B 105 1.72 -2.55 19.72
O MSE B 105 2.22 -3.25 18.83
CB MSE B 105 1.14 -4.16 21.48
CG MSE B 105 -0.33 -3.91 21.34
SE MSE B 105 -1.27 -5.53 21.04
CE MSE B 105 -1.87 -5.22 19.23
N SER B 106 0.98 -1.48 19.46
CA SER B 106 0.75 -1.11 18.08
C SER B 106 2.00 -0.47 17.48
N PHE B 107 2.15 -0.68 16.18
CA PHE B 107 3.26 -0.15 15.38
C PHE B 107 3.15 1.38 15.40
N SER B 108 1.91 1.87 15.38
CA SER B 108 1.67 3.30 15.39
C SER B 108 2.39 3.95 16.58
N LYS B 109 2.40 3.22 17.69
CA LYS B 109 3.04 3.71 18.90
C LYS B 109 4.56 3.73 18.78
N SER B 110 5.14 2.60 18.37
CA SER B 110 6.59 2.46 18.22
C SER B 110 7.30 3.72 17.74
N PHE B 111 6.60 4.54 16.96
CA PHE B 111 7.19 5.78 16.46
C PHE B 111 7.61 6.67 17.63
N ASN B 112 6.75 6.75 18.66
CA ASN B 112 7.05 7.55 19.83
C ASN B 112 8.23 6.98 20.62
N GLY B 113 9.07 6.20 19.93
CA GLY B 113 10.23 5.58 20.56
C GLY B 113 9.99 4.15 21.01
N PRO B 114 11.04 3.34 21.19
CA PRO B 114 10.96 1.93 21.61
C PRO B 114 10.33 1.72 23.00
N GLN B 115 9.30 0.89 23.04
CA GLN B 115 8.55 0.60 24.28
C GLN B 115 8.63 -0.91 24.63
N LYS B 116 9.23 -1.25 25.77
CA LYS B 116 9.35 -2.65 26.18
C LYS B 116 7.99 -3.26 26.52
N LEU B 117 7.82 -4.53 26.17
CA LEU B 117 6.56 -5.22 26.36
C LEU B 117 6.64 -6.48 27.25
N SER B 118 5.49 -7.03 27.64
CA SER B 118 5.45 -8.25 28.45
C SER B 118 5.75 -9.42 27.52
N LEU B 119 5.67 -10.63 28.06
CA LEU B 119 5.89 -11.80 27.23
C LEU B 119 4.53 -12.06 26.61
N GLU B 120 3.49 -11.79 27.39
CA GLU B 120 2.15 -11.99 26.88
C GLU B 120 1.91 -10.92 25.86
N GLY B 121 2.54 -9.77 26.04
CA GLY B 121 2.37 -8.68 25.07
C GLY B 121 3.05 -9.00 23.74
N GLN B 122 4.30 -9.45 23.81
CA GLN B 122 5.03 -9.79 22.61
C GLN B 122 4.24 -10.83 21.87
N VAL B 123 3.56 -11.71 22.60
CA VAL B 123 2.77 -12.74 21.96
C VAL B 123 1.53 -12.17 21.26
N VAL B 124 0.80 -11.26 21.92
CA VAL B 124 -0.38 -10.69 21.29
C VAL B 124 0.08 -9.99 20.02
N GLN B 125 1.06 -9.11 20.16
CA GLN B 125 1.61 -8.37 19.02
C GLN B 125 2.00 -9.27 17.85
N ASP B 126 2.81 -10.28 18.12
CA ASP B 126 3.24 -11.20 17.07
C ASP B 126 2.05 -11.87 16.42
N ALA B 127 1.04 -12.18 17.21
CA ALA B 127 -0.14 -12.82 16.69
C ALA B 127 -0.90 -11.87 15.77
N ASP B 128 -1.09 -10.64 16.26
CA ASP B 128 -1.82 -9.65 15.49
C ASP B 128 -1.14 -9.33 14.16
N ARG B 129 0.16 -9.07 14.20
CA ARG B 129 0.88 -8.73 12.97
C ARG B 129 0.93 -9.92 12.05
N LEU B 130 1.10 -11.11 12.62
CA LEU B 130 1.17 -12.33 11.84
C LEU B 130 -0.02 -12.50 10.90
N ASP B 131 -1.11 -11.80 11.22
CA ASP B 131 -2.33 -11.84 10.42
C ASP B 131 -2.47 -10.60 9.56
N ALA B 132 -1.41 -9.81 9.47
CA ALA B 132 -1.44 -8.60 8.66
C ALA B 132 -0.35 -8.66 7.59
N ILE B 133 0.01 -9.88 7.23
CA ILE B 133 1.02 -10.10 6.21
C ILE B 133 0.62 -11.38 5.53
N GLY B 134 1.38 -11.80 4.54
CA GLY B 134 0.98 -12.99 3.82
C GLY B 134 -0.20 -12.58 2.97
N ALA B 135 -0.75 -13.53 2.21
CA ALA B 135 -1.88 -13.30 1.33
C ALA B 135 -3.01 -12.64 2.11
N ILE B 136 -3.23 -13.12 3.33
CA ILE B 136 -4.27 -12.56 4.17
C ILE B 136 -4.04 -11.08 4.45
N GLY B 137 -2.80 -10.72 4.75
CA GLY B 137 -2.48 -9.32 4.98
C GLY B 137 -2.80 -8.52 3.73
N ILE B 138 -2.37 -9.01 2.57
CA ILE B 138 -2.66 -8.31 1.31
C ILE B 138 -4.17 -8.02 1.25
N ALA B 139 -4.96 -9.09 1.34
CA ALA B 139 -6.41 -8.96 1.29
C ALA B 139 -6.91 -7.92 2.26
N ARG B 140 -6.65 -8.13 3.55
CA ARG B 140 -7.09 -7.21 4.59
C ARG B 140 -6.60 -5.79 4.41
N ALA B 141 -5.36 -5.65 3.98
CA ALA B 141 -4.77 -4.36 3.75
C ALA B 141 -5.64 -3.59 2.77
N LEU B 142 -5.72 -4.04 1.53
CA LEU B 142 -6.54 -3.33 0.56
C LEU B 142 -8.03 -3.31 0.89
N TYR B 143 -8.51 -4.35 1.57
CA TYR B 143 -9.92 -4.43 1.94
C TYR B 143 -10.26 -3.27 2.87
N TYR B 144 -9.25 -2.79 3.58
CA TYR B 144 -9.42 -1.68 4.48
C TYR B 144 -9.47 -0.36 3.69
N SER B 145 -8.62 -0.28 2.66
CA SER B 145 -8.55 0.89 1.81
C SER B 145 -9.87 1.08 1.08
N GLY B 146 -10.52 -0.03 0.73
CA GLY B 146 -11.80 0.07 0.06
C GLY B 146 -12.75 0.70 1.07
N HIS B 147 -12.79 0.08 2.24
CA HIS B 147 -13.62 0.54 3.32
C HIS B 147 -13.47 2.03 3.63
N VAL B 148 -12.24 2.49 3.76
CA VAL B 148 -12.01 3.89 4.10
C VAL B 148 -12.01 4.86 2.92
N GLY B 149 -11.80 4.35 1.72
CA GLY B 149 -11.76 5.24 0.57
C GLY B 149 -10.36 5.74 0.23
N GLU B 150 -9.37 5.16 0.88
CA GLU B 150 -7.96 5.50 0.69
C GLU B 150 -7.55 5.31 -0.77
N LYS B 151 -6.39 5.83 -1.12
CA LYS B 151 -5.88 5.70 -2.48
C LYS B 151 -4.99 4.44 -2.59
N ILE B 152 -5.08 3.72 -3.70
CA ILE B 152 -4.31 2.50 -3.84
C ILE B 152 -2.83 2.72 -4.13
N TYR B 153 -2.53 3.71 -4.96
CA TYR B 153 -1.16 3.99 -5.35
C TYR B 153 -1.06 5.35 -6.01
N ASP B 154 0.13 5.94 -6.00
CA ASP B 154 0.34 7.26 -6.61
C ASP B 154 1.85 7.40 -6.81
N PRO B 155 2.37 6.98 -7.97
CA PRO B 155 3.82 7.08 -8.21
C PRO B 155 4.44 8.40 -7.76
N ALA B 156 3.60 9.44 -7.75
CA ALA B 156 4.03 10.77 -7.34
C ALA B 156 4.30 10.77 -5.86
N ILE B 157 3.45 10.06 -5.11
CA ILE B 157 3.59 9.97 -3.67
C ILE B 157 4.49 8.79 -3.36
N ALA B 158 5.55 9.03 -2.60
CA ALA B 158 6.46 7.97 -2.25
C ALA B 158 6.32 7.67 -0.77
N PRO B 159 6.60 6.44 -0.36
CA PRO B 159 6.51 6.00 1.03
C PRO B 159 7.31 6.80 2.03
N ARG B 160 6.61 7.31 3.05
CA ARG B 160 7.22 8.10 4.10
C ARG B 160 8.34 7.27 4.70
N GLU B 161 9.22 7.89 5.46
CA GLU B 161 10.33 7.16 6.06
C GLU B 161 10.54 7.46 7.53
N HIS B 162 10.30 8.71 7.93
CA HIS B 162 10.46 9.09 9.33
C HIS B 162 9.15 9.50 9.97
N MSE B 163 8.11 8.68 9.76
CA MSE B 163 6.78 8.94 10.28
C MSE B 163 6.72 9.18 11.79
O MSE B 163 7.61 8.78 12.54
CB MSE B 163 5.85 7.79 9.93
CG MSE B 163 5.73 7.50 8.46
SE MSE B 163 4.68 5.90 8.17
CE MSE B 163 2.93 6.67 8.24
N THR B 164 5.63 9.80 12.22
CA THR B 164 5.39 10.10 13.64
C THR B 164 3.97 9.70 14.01
N ARG B 165 3.76 9.39 15.29
CA ARG B 165 2.45 8.98 15.82
C ARG B 165 1.28 9.56 15.06
N GLU B 166 1.28 10.88 14.91
CA GLU B 166 0.22 11.57 14.19
C GLU B 166 0.24 11.22 12.71
N GLN B 167 1.29 11.67 12.02
CA GLN B 167 1.39 11.42 10.59
C GLN B 167 0.74 10.09 10.19
N TYR B 168 1.24 9.01 10.77
CA TYR B 168 0.73 7.67 10.47
C TYR B 168 -0.77 7.47 10.67
N ARG B 169 -1.28 7.90 11.82
CA ARG B 169 -2.69 7.73 12.11
C ARG B 169 -3.58 8.80 11.47
N HIS B 170 -3.08 10.03 11.40
CA HIS B 170 -3.85 11.11 10.80
C HIS B 170 -3.68 11.19 9.28
N GLN B 171 -2.46 11.50 8.85
CA GLN B 171 -2.14 11.64 7.43
C GLN B 171 -2.21 10.33 6.65
N PRO B 172 -3.27 10.14 5.85
CA PRO B 172 -3.49 8.93 5.03
C PRO B 172 -2.46 8.77 3.91
N GLY B 173 -1.98 7.55 3.73
CA GLY B 173 -1.01 7.29 2.69
C GLY B 173 -1.68 6.47 1.60
N THR B 174 -0.90 5.86 0.73
CA THR B 174 -1.49 5.02 -0.31
C THR B 174 -1.44 3.57 0.16
N ALA B 175 -2.30 2.74 -0.39
CA ALA B 175 -2.36 1.34 0.00
C ALA B 175 -1.02 0.65 -0.19
N ILE B 176 -0.42 0.85 -1.35
CA ILE B 176 0.87 0.23 -1.62
C ILE B 176 1.90 0.70 -0.61
N ASN B 177 1.97 2.01 -0.38
CA ASN B 177 2.95 2.56 0.56
C ASN B 177 2.91 1.89 1.93
N HIS B 178 1.77 1.30 2.28
CA HIS B 178 1.62 0.64 3.56
C HIS B 178 2.54 -0.57 3.69
N PHE B 179 2.76 -1.29 2.59
CA PHE B 179 3.65 -2.45 2.65
C PHE B 179 5.04 -1.90 2.93
N TYR B 180 5.47 -0.93 2.13
CA TYR B 180 6.78 -0.34 2.32
C TYR B 180 6.92 0.28 3.70
N GLU B 181 5.93 1.09 4.07
CA GLU B 181 5.91 1.79 5.36
C GLU B 181 5.73 0.94 6.60
N LYS B 182 5.05 -0.20 6.46
CA LYS B 182 4.78 -1.06 7.60
C LYS B 182 4.93 -2.56 7.35
N LEU B 183 3.88 -3.17 6.80
CA LEU B 183 3.85 -4.62 6.52
C LEU B 183 5.14 -5.35 6.13
N PHE B 184 6.01 -4.71 5.36
CA PHE B 184 7.27 -5.32 4.94
C PHE B 184 8.30 -5.40 6.07
N LYS B 185 8.03 -4.73 7.20
CA LYS B 185 8.97 -4.74 8.33
C LYS B 185 8.54 -5.64 9.49
N LEU B 186 7.27 -6.02 9.51
CA LEU B 186 6.76 -6.84 10.59
C LEU B 186 7.54 -8.11 10.92
N ALA B 187 7.87 -8.92 9.92
CA ALA B 187 8.57 -10.20 10.15
C ALA B 187 9.98 -10.07 10.75
N ALA B 188 10.52 -8.87 10.73
CA ALA B 188 11.85 -8.67 11.26
C ALA B 188 11.63 -8.24 12.70
N LEU B 189 10.45 -7.69 12.95
CA LEU B 189 10.09 -7.19 14.27
C LEU B 189 9.40 -8.27 15.11
N MSE B 190 9.04 -9.36 14.48
CA MSE B 190 8.38 -10.45 15.17
C MSE B 190 9.22 -10.76 16.43
O MSE B 190 10.45 -10.72 16.39
CB MSE B 190 8.33 -11.66 14.23
CG MSE B 190 7.03 -12.44 14.25
SE MSE B 190 5.47 -11.34 14.02
CE MSE B 190 5.65 -10.83 12.17
N ASN B 191 8.56 -11.06 17.55
CA ASN B 191 9.25 -11.37 18.80
C ASN B 191 9.54 -12.87 18.99
N THR B 192 8.47 -13.66 18.97
CA THR B 192 8.53 -15.12 19.16
C THR B 192 9.40 -15.85 18.12
N ASP B 193 10.13 -16.87 18.55
CA ASP B 193 10.94 -17.61 17.58
C ASP B 193 10.02 -18.32 16.61
N THR B 194 8.95 -18.89 17.16
CA THR B 194 7.98 -19.62 16.35
C THR B 194 7.34 -18.71 15.31
N ALA B 195 7.24 -17.43 15.64
CA ALA B 195 6.62 -16.48 14.75
C ALA B 195 7.57 -16.07 13.66
N LYS B 196 8.81 -15.73 14.04
CA LYS B 196 9.81 -15.32 13.05
C LYS B 196 9.78 -16.33 11.93
N ALA B 197 9.66 -17.60 12.30
CA ALA B 197 9.65 -18.67 11.32
C ALA B 197 8.42 -18.55 10.43
N LEU B 198 7.26 -18.39 11.06
CA LEU B 198 6.01 -18.29 10.35
C LEU B 198 5.97 -17.04 9.50
N ALA B 199 6.47 -15.94 10.07
CA ALA B 199 6.52 -14.67 9.37
C ALA B 199 7.46 -14.78 8.18
N ALA B 200 8.19 -15.88 8.12
CA ALA B 200 9.16 -16.11 7.04
C ALA B 200 8.51 -16.60 5.74
N HIS B 201 7.41 -17.35 5.82
CA HIS B 201 6.76 -17.80 4.60
C HIS B 201 5.53 -16.94 4.32
N ARG B 202 5.61 -15.68 4.71
CA ARG B 202 4.49 -14.80 4.49
C ARG B 202 4.92 -13.44 3.94
N THR B 203 6.18 -13.34 3.52
CA THR B 203 6.69 -12.08 2.98
C THR B 203 6.86 -12.15 1.47
N ALA B 204 7.24 -13.34 0.99
CA ALA B 204 7.46 -13.54 -0.43
C ALA B 204 6.25 -13.16 -1.27
N VAL B 205 5.07 -13.44 -0.74
CA VAL B 205 3.80 -13.16 -1.42
C VAL B 205 3.49 -11.67 -1.48
N MSE B 206 3.73 -10.99 -0.37
CA MSE B 206 3.46 -9.58 -0.33
C MSE B 206 4.39 -8.91 -1.32
O MSE B 206 3.96 -8.03 -2.06
CB MSE B 206 3.71 -9.03 1.09
CG MSE B 206 2.82 -9.62 2.16
SE MSE B 206 3.20 -8.79 3.88
CE MSE B 206 1.75 -7.53 3.94
N HIS B 207 5.67 -9.32 -1.34
CA HIS B 207 6.63 -8.75 -2.27
C HIS B 207 6.27 -9.01 -3.74
N GLU B 208 5.74 -10.18 -4.04
CA GLU B 208 5.32 -10.48 -5.41
C GLU B 208 4.14 -9.59 -5.80
N PHE B 209 3.32 -9.25 -4.81
CA PHE B 209 2.16 -8.40 -5.04
C PHE B 209 2.55 -6.96 -5.31
N VAL B 210 3.33 -6.34 -4.44
CA VAL B 210 3.76 -4.96 -4.64
C VAL B 210 4.60 -4.82 -5.92
N ASP B 211 5.34 -5.87 -6.24
CA ASP B 211 6.16 -5.85 -7.43
C ASP B 211 5.30 -6.01 -8.69
N GLN B 212 4.56 -7.11 -8.76
CA GLN B 212 3.68 -7.30 -9.93
C GLN B 212 2.70 -6.14 -10.10
N PHE B 213 2.34 -5.47 -9.01
CA PHE B 213 1.41 -4.35 -9.08
C PHE B 213 2.05 -3.14 -9.78
N LYS B 214 3.34 -2.90 -9.52
CA LYS B 214 4.03 -1.77 -10.12
C LYS B 214 4.55 -2.11 -11.51
N ALA B 215 4.68 -3.40 -11.78
CA ALA B 215 5.14 -3.83 -13.09
C ALA B 215 3.97 -3.65 -14.07
N GLU B 216 2.78 -4.06 -13.63
CA GLU B 216 1.53 -3.98 -14.40
C GLU B 216 1.06 -2.55 -14.61
N TRP B 217 1.21 -1.73 -13.57
CA TRP B 217 0.80 -0.34 -13.65
C TRP B 217 1.67 0.41 -14.67
N THR B 218 2.98 0.25 -14.56
CA THR B 218 3.91 0.89 -15.49
C THR B 218 3.69 0.35 -16.89
N ALA B 219 3.66 -0.98 -17.02
CA ALA B 219 3.45 -1.62 -18.33
C ALA B 219 2.40 -0.79 -19.04
N ASP B 220 1.20 -0.77 -18.48
CA ASP B 220 0.13 0.02 -19.09
C ASP B 220 0.72 1.41 -19.36
N MSE C 6 -19.06 9.06 -38.02
CA MSE C 6 -18.20 8.46 -36.96
C MSE C 6 -17.80 9.55 -35.97
O MSE C 6 -17.75 10.72 -36.32
CB MSE C 6 -16.96 7.83 -37.60
CG MSE C 6 -17.24 6.95 -38.81
SE MSE C 6 -18.50 5.49 -38.52
CE MSE C 6 -20.12 6.36 -39.15
N ILE C 7 -17.53 9.15 -34.73
CA ILE C 7 -17.15 10.09 -33.67
C ILE C 7 -15.91 10.93 -34.00
N THR C 8 -15.84 12.12 -33.41
CA THR C 8 -14.73 13.04 -33.63
C THR C 8 -13.87 13.30 -32.39
N GLU C 9 -12.60 13.60 -32.61
CA GLU C 9 -11.64 13.87 -31.54
C GLU C 9 -12.12 14.79 -30.41
N THR C 10 -12.67 15.95 -30.78
CA THR C 10 -13.17 16.92 -29.80
C THR C 10 -14.49 16.51 -29.18
N GLN C 11 -15.06 15.40 -29.64
CA GLN C 11 -16.30 14.91 -29.08
C GLN C 11 -15.87 13.86 -28.07
N LEU C 12 -14.81 13.12 -28.41
CA LEU C 12 -14.28 12.11 -27.53
C LEU C 12 -13.93 12.74 -26.20
N THR C 13 -13.09 13.78 -26.25
CA THR C 13 -12.71 14.48 -25.03
C THR C 13 -13.94 14.94 -24.26
N ALA C 14 -15.02 15.23 -25.00
CA ALA C 14 -16.26 15.66 -24.39
C ALA C 14 -16.77 14.48 -23.56
N ILE C 15 -16.60 13.29 -24.13
CA ILE C 15 -17.02 12.05 -23.49
C ILE C 15 -16.08 11.73 -22.34
N GLN C 16 -14.80 12.06 -22.53
CA GLN C 16 -13.82 11.79 -21.49
C GLN C 16 -14.15 12.63 -20.29
N THR C 17 -14.32 13.92 -20.55
CA THR C 17 -14.64 14.87 -19.51
C THR C 17 -15.86 14.37 -18.77
N TYR C 18 -16.87 13.94 -19.52
CA TYR C 18 -18.09 13.47 -18.90
C TYR C 18 -17.92 12.24 -18.04
N ALA C 19 -17.09 11.31 -18.52
CA ALA C 19 -16.84 10.06 -17.80
C ALA C 19 -16.08 10.22 -16.49
N LEU C 20 -15.04 11.07 -16.51
CA LEU C 20 -14.24 11.27 -15.32
C LEU C 20 -15.01 11.91 -14.17
N GLN C 21 -15.72 12.99 -14.46
CA GLN C 21 -16.46 13.68 -13.41
C GLN C 21 -17.47 12.77 -12.77
N LYS C 22 -18.21 12.04 -13.61
CA LYS C 22 -19.21 11.13 -13.09
C LYS C 22 -18.59 10.13 -12.13
N LEU C 23 -17.26 9.97 -12.24
CA LEU C 23 -16.55 9.02 -11.40
C LEU C 23 -15.48 9.61 -10.48
N ALA C 24 -15.68 10.84 -10.05
CA ALA C 24 -14.73 11.44 -9.12
C ALA C 24 -15.35 11.08 -7.76
N HIS C 25 -14.54 10.91 -6.74
CA HIS C 25 -15.03 10.54 -5.42
C HIS C 25 -15.69 9.15 -5.49
N ASP C 26 -15.22 8.32 -6.42
CA ASP C 26 -15.78 6.97 -6.58
C ASP C 26 -15.54 6.10 -5.36
N HIS C 27 -14.27 5.83 -5.09
CA HIS C 27 -13.88 4.99 -3.95
C HIS C 27 -14.51 3.60 -4.00
N SER C 28 -14.28 2.88 -5.10
CA SER C 28 -14.80 1.53 -5.27
C SER C 28 -13.90 0.71 -6.17
N GLY C 29 -12.91 1.38 -6.78
CA GLY C 29 -11.98 0.71 -7.67
C GLY C 29 -12.14 1.04 -9.14
N HIS C 30 -12.99 2.02 -9.43
CA HIS C 30 -13.23 2.43 -10.80
C HIS C 30 -13.08 3.94 -10.94
N GLY C 31 -11.98 4.48 -10.44
CA GLY C 31 -11.77 5.91 -10.54
C GLY C 31 -10.93 6.27 -11.76
N ARG C 32 -10.39 7.48 -11.74
CA ARG C 32 -9.54 7.97 -12.82
C ARG C 32 -8.51 6.93 -13.25
N ASP C 33 -7.64 6.58 -12.32
CA ASP C 33 -6.57 5.62 -12.59
C ASP C 33 -7.04 4.43 -13.38
N HIS C 34 -8.13 3.83 -12.93
CA HIS C 34 -8.68 2.69 -13.64
C HIS C 34 -9.13 3.13 -15.04
N LEU C 35 -9.88 4.24 -15.10
CA LEU C 35 -10.37 4.74 -16.37
C LEU C 35 -9.24 5.05 -17.34
N GLN C 36 -8.22 5.75 -16.85
CA GLN C 36 -7.11 6.09 -17.72
C GLN C 36 -6.30 4.91 -18.13
N ARG C 37 -6.22 3.89 -17.27
CA ARG C 37 -5.44 2.73 -17.61
C ARG C 37 -6.16 1.87 -18.64
N VAL C 38 -7.48 1.75 -18.51
CA VAL C 38 -8.26 0.96 -19.46
C VAL C 38 -8.27 1.71 -20.76
N ASN C 39 -8.11 3.02 -20.65
CA ASN C 39 -8.09 3.88 -21.81
C ASN C 39 -6.79 3.72 -22.54
N ARG C 40 -5.71 3.69 -21.77
CA ARG C 40 -4.37 3.55 -22.30
C ARG C 40 -4.16 2.16 -22.89
N LEU C 41 -4.92 1.19 -22.41
CA LEU C 41 -4.82 -0.17 -22.92
C LEU C 41 -5.69 -0.22 -24.15
N ALA C 42 -6.86 0.39 -24.05
CA ALA C 42 -7.79 0.41 -25.17
C ALA C 42 -7.08 0.99 -26.40
N ARG C 43 -6.28 2.03 -26.17
CA ARG C 43 -5.54 2.70 -27.24
C ARG C 43 -4.56 1.78 -27.94
N ARG C 44 -3.57 1.31 -27.21
CA ARG C 44 -2.59 0.41 -27.79
C ARG C 44 -3.35 -0.70 -28.51
N LEU C 45 -4.31 -1.30 -27.80
CA LEU C 45 -5.11 -2.38 -28.35
C LEU C 45 -5.75 -2.06 -29.70
N ALA C 46 -6.47 -0.95 -29.78
CA ALA C 46 -7.11 -0.56 -31.03
C ALA C 46 -6.19 -0.78 -32.21
N LYS C 47 -4.94 -0.32 -32.09
CA LYS C 47 -3.97 -0.45 -33.17
C LYS C 47 -3.61 -1.90 -33.51
N ASP C 48 -3.30 -2.70 -32.50
CA ASP C 48 -2.94 -4.10 -32.72
C ASP C 48 -3.94 -4.83 -33.59
N GLU C 49 -5.12 -4.22 -33.74
CA GLU C 49 -6.19 -4.79 -34.54
C GLU C 49 -6.62 -3.78 -35.59
N GLY C 50 -6.10 -2.56 -35.46
CA GLY C 50 -6.43 -1.51 -36.39
C GLY C 50 -7.93 -1.23 -36.37
N ALA C 51 -8.49 -1.04 -35.18
CA ALA C 51 -9.91 -0.76 -35.02
C ALA C 51 -10.14 0.73 -34.89
N ASN C 52 -11.39 1.15 -35.00
CA ASN C 52 -11.71 2.56 -34.91
C ASN C 52 -11.45 3.09 -33.51
N LEU C 53 -10.32 3.76 -33.36
CA LEU C 53 -9.93 4.32 -32.09
C LEU C 53 -11.09 5.06 -31.41
N ASN C 54 -11.32 6.30 -31.83
CA ASN C 54 -12.36 7.16 -31.26
C ASN C 54 -13.67 6.51 -30.81
N LEU C 55 -14.11 5.46 -31.48
CA LEU C 55 -15.34 4.79 -31.10
C LEU C 55 -14.99 3.85 -29.94
N THR C 56 -13.79 3.30 -30.00
CA THR C 56 -13.26 2.39 -29.00
C THR C 56 -13.02 3.10 -27.67
N LEU C 57 -12.25 4.19 -27.74
CA LEU C 57 -11.92 4.95 -26.55
C LEU C 57 -13.20 5.55 -25.98
N ALA C 58 -14.18 5.77 -26.84
CA ALA C 58 -15.45 6.35 -26.42
C ALA C 58 -16.18 5.40 -25.48
N ALA C 59 -16.33 4.16 -25.92
CA ALA C 59 -17.02 3.17 -25.11
C ALA C 59 -16.17 2.85 -23.89
N ALA C 60 -14.86 2.88 -24.07
CA ALA C 60 -13.93 2.59 -22.99
C ALA C 60 -14.16 3.53 -21.79
N TRP C 61 -14.28 4.82 -22.03
CA TRP C 61 -14.49 5.75 -20.91
C TRP C 61 -15.85 5.58 -20.31
N LEU C 62 -16.73 5.02 -21.06
CA LEU C 62 -18.08 5.01 -20.57
C LEU C 62 -18.72 3.80 -20.07
N HIS C 63 -18.07 2.68 -20.10
CA HIS C 63 -18.81 1.50 -19.85
C HIS C 63 -19.15 1.37 -18.46
N ASP C 64 -18.58 2.25 -17.72
CA ASP C 64 -18.51 2.01 -16.36
C ASP C 64 -19.30 2.93 -15.60
N VAL C 65 -19.48 4.02 -16.26
CA VAL C 65 -20.29 5.00 -15.75
C VAL C 65 -21.53 4.25 -15.71
N ILE C 66 -21.54 2.92 -15.83
CA ILE C 66 -22.75 2.29 -15.65
C ILE C 66 -22.90 1.03 -15.05
N ASP C 67 -23.22 -0.22 -15.47
CA ASP C 67 -22.94 -1.08 -14.33
C ASP C 67 -23.89 -0.97 -13.11
N MSE C 71 -23.91 1.42 -9.77
CA MSE C 71 -24.74 2.57 -10.02
C MSE C 71 -25.94 2.19 -9.29
O MSE C 71 -26.36 1.04 -9.35
CB MSE C 71 -25.11 2.66 -11.46
CG MSE C 71 -24.89 4.11 -12.02
SE MSE C 71 -23.36 5.25 -11.69
CE MSE C 71 -22.50 3.64 -12.06
N ALA C 72 -26.51 3.15 -8.60
CA ALA C 72 -27.65 2.82 -7.83
C ALA C 72 -28.85 2.57 -8.73
N ASN C 73 -29.17 3.53 -9.57
CA ASN C 73 -30.30 3.40 -10.49
C ASN C 73 -29.76 3.39 -11.92
N PRO C 74 -29.47 2.19 -12.46
CA PRO C 74 -28.95 2.03 -13.83
C PRO C 74 -29.64 2.87 -14.89
N ALA C 75 -30.96 3.03 -14.74
CA ALA C 75 -31.74 3.82 -15.68
C ALA C 75 -31.27 5.27 -15.65
N LYS C 76 -31.30 5.88 -14.46
CA LYS C 76 -30.86 7.27 -14.32
C LYS C 76 -29.56 7.45 -15.12
N ALA C 77 -28.66 6.47 -14.97
CA ALA C 77 -27.37 6.49 -15.65
C ALA C 77 -27.49 6.65 -17.16
N HIS C 78 -28.15 5.69 -17.82
CA HIS C 78 -28.33 5.75 -19.28
C HIS C 78 -28.79 7.12 -19.73
N GLN C 79 -30.04 7.43 -19.38
CA GLN C 79 -30.66 8.71 -19.73
C GLN C 79 -29.60 9.81 -19.76
N ASP C 80 -29.14 10.20 -18.58
CA ASP C 80 -28.16 11.26 -18.45
C ASP C 80 -27.06 11.14 -19.49
N LEU C 81 -26.64 9.90 -19.77
CA LEU C 81 -25.60 9.67 -20.75
C LEU C 81 -26.12 10.01 -22.13
N ILE C 82 -27.37 9.65 -22.40
CA ILE C 82 -27.98 9.94 -23.68
C ILE C 82 -28.06 11.46 -23.82
N VAL C 83 -28.46 12.11 -22.74
CA VAL C 83 -28.56 13.56 -22.71
C VAL C 83 -27.20 14.13 -23.10
N GLN C 84 -26.19 13.82 -22.29
CA GLN C 84 -24.83 14.30 -22.56
C GLN C 84 -24.41 13.93 -23.96
N LEU C 85 -24.63 12.68 -24.33
CA LEU C 85 -24.26 12.24 -25.67
C LEU C 85 -24.86 13.21 -26.70
N ASN C 86 -26.14 13.52 -26.51
CA ASN C 86 -26.85 14.42 -27.42
C ASN C 86 -26.23 15.80 -27.55
N ALA C 87 -26.24 16.56 -26.47
CA ALA C 87 -25.70 17.92 -26.48
C ALA C 87 -24.26 17.99 -27.02
N GLN C 88 -23.79 16.90 -27.61
CA GLN C 88 -22.44 16.89 -28.17
C GLN C 88 -22.45 16.48 -29.64
N ASN C 89 -23.42 16.99 -30.40
CA ASN C 89 -23.50 16.64 -31.82
C ASN C 89 -23.22 15.15 -32.01
N VAL C 90 -23.72 14.33 -31.10
CA VAL C 90 -23.51 12.90 -31.21
C VAL C 90 -24.40 12.36 -32.31
N THR C 91 -23.91 11.43 -33.12
CA THR C 91 -24.74 10.88 -34.17
C THR C 91 -25.43 9.68 -33.56
N ALA C 92 -26.67 9.43 -33.94
CA ALA C 92 -27.43 8.30 -33.41
C ALA C 92 -26.79 6.98 -33.79
N ASP C 93 -25.98 7.00 -34.84
CA ASP C 93 -25.30 5.78 -35.29
C ASP C 93 -24.01 5.61 -34.50
N ASP C 94 -23.47 6.73 -34.02
CA ASP C 94 -22.28 6.68 -33.20
C ASP C 94 -22.74 6.31 -31.79
N GLN C 95 -23.99 6.65 -31.47
CA GLN C 95 -24.54 6.33 -30.17
C GLN C 95 -24.82 4.84 -30.05
N THR C 96 -25.69 4.32 -30.91
CA THR C 96 -26.04 2.90 -30.87
C THR C 96 -24.80 2.02 -30.73
N ALA C 97 -23.80 2.30 -31.57
CA ALA C 97 -22.55 1.54 -31.55
C ALA C 97 -21.99 1.50 -30.13
N ILE C 98 -21.98 2.67 -29.50
CA ILE C 98 -21.52 2.83 -28.13
C ILE C 98 -22.25 1.82 -27.27
N PHE C 99 -23.55 2.00 -27.13
CA PHE C 99 -24.33 1.09 -26.32
C PHE C 99 -24.26 -0.36 -26.78
N ALA C 100 -23.86 -0.59 -28.02
CA ALA C 100 -23.75 -1.95 -28.50
C ALA C 100 -22.56 -2.57 -27.78
N ILE C 101 -21.47 -1.81 -27.72
CA ILE C 101 -20.28 -2.27 -27.04
C ILE C 101 -20.58 -2.28 -25.55
N ILE C 102 -20.65 -1.09 -24.97
CA ILE C 102 -20.91 -0.94 -23.55
C ILE C 102 -22.11 -1.69 -22.95
N ASP C 103 -23.00 -2.22 -23.79
CA ASP C 103 -24.16 -2.96 -23.26
C ASP C 103 -24.25 -4.43 -23.65
N HIS C 104 -23.13 -5.02 -24.04
CA HIS C 104 -23.08 -6.42 -24.42
C HIS C 104 -21.67 -6.96 -24.20
N MSE C 105 -20.98 -6.42 -23.20
CA MSE C 105 -19.62 -6.86 -22.92
C MSE C 105 -19.42 -7.38 -21.50
O MSE C 105 -19.02 -8.53 -21.32
CB MSE C 105 -18.62 -5.74 -23.21
CG MSE C 105 -18.77 -4.50 -22.33
SE MSE C 105 -17.32 -3.19 -22.55
CE MSE C 105 -16.21 -3.74 -21.05
N SER C 106 -19.68 -6.52 -20.51
CA SER C 106 -19.49 -6.89 -19.11
C SER C 106 -19.79 -8.37 -18.86
N PHE C 107 -19.01 -8.98 -17.97
CA PHE C 107 -19.16 -10.39 -17.67
C PHE C 107 -20.59 -10.82 -17.40
N SER C 108 -21.21 -10.21 -16.39
CA SER C 108 -22.58 -10.53 -15.99
C SER C 108 -23.48 -10.97 -17.14
N LYS C 109 -23.34 -10.34 -18.31
CA LYS C 109 -24.15 -10.68 -19.47
C LYS C 109 -23.82 -12.06 -20.07
N SER C 110 -22.56 -12.47 -19.97
CA SER C 110 -22.14 -13.76 -20.52
C SER C 110 -23.04 -14.88 -19.98
N PHE C 111 -23.69 -14.62 -18.85
CA PHE C 111 -24.58 -15.60 -18.24
C PHE C 111 -25.92 -15.67 -18.98
N ASN C 112 -26.05 -14.86 -20.03
CA ASN C 112 -27.26 -14.83 -20.85
C ASN C 112 -26.92 -15.30 -22.26
N GLY C 113 -25.76 -15.96 -22.39
CA GLY C 113 -25.31 -16.45 -23.68
C GLY C 113 -24.28 -15.51 -24.27
N PRO C 114 -23.12 -16.02 -24.73
CA PRO C 114 -22.06 -15.19 -25.31
C PRO C 114 -22.51 -14.36 -26.52
N GLN C 115 -22.82 -13.09 -26.28
CA GLN C 115 -23.27 -12.21 -27.34
C GLN C 115 -22.07 -11.71 -28.15
N LYS C 116 -21.97 -12.17 -29.40
CA LYS C 116 -20.86 -11.77 -30.26
C LYS C 116 -20.75 -10.24 -30.23
N LEU C 117 -19.57 -9.73 -30.56
CA LEU C 117 -19.35 -8.29 -30.50
C LEU C 117 -18.58 -7.65 -31.66
N SER C 118 -18.55 -6.32 -31.65
CA SER C 118 -17.86 -5.54 -32.67
C SER C 118 -16.36 -5.68 -32.44
N LEU C 119 -15.56 -5.30 -33.43
CA LEU C 119 -14.12 -5.40 -33.26
C LEU C 119 -13.74 -4.47 -32.10
N GLU C 120 -13.95 -3.18 -32.31
CA GLU C 120 -13.64 -2.18 -31.31
C GLU C 120 -14.34 -2.54 -30.00
N GLY C 121 -15.40 -3.33 -30.10
CA GLY C 121 -16.09 -3.74 -28.89
C GLY C 121 -15.20 -4.75 -28.18
N GLN C 122 -14.72 -5.73 -28.95
CA GLN C 122 -13.83 -6.77 -28.46
C GLN C 122 -12.55 -6.15 -27.92
N VAL C 123 -12.14 -5.04 -28.51
CA VAL C 123 -10.94 -4.34 -28.05
C VAL C 123 -11.19 -3.71 -26.68
N VAL C 124 -12.45 -3.36 -26.38
CA VAL C 124 -12.79 -2.77 -25.09
C VAL C 124 -12.88 -3.85 -24.02
N GLN C 125 -13.81 -4.80 -24.20
CA GLN C 125 -13.94 -5.91 -23.28
C GLN C 125 -12.57 -6.38 -22.80
N ASP C 126 -11.62 -6.44 -23.73
CA ASP C 126 -10.25 -6.87 -23.42
C ASP C 126 -9.59 -5.90 -22.47
N ALA C 127 -9.34 -4.69 -22.95
CA ALA C 127 -8.70 -3.66 -22.13
C ALA C 127 -9.36 -3.45 -20.75
N ASP C 128 -10.67 -3.63 -20.69
CA ASP C 128 -11.36 -3.44 -19.42
C ASP C 128 -11.09 -4.61 -18.49
N ARG C 129 -11.06 -5.81 -19.05
CA ARG C 129 -10.82 -7.01 -18.26
C ARG C 129 -9.35 -7.16 -17.89
N LEU C 130 -8.47 -6.58 -18.70
CA LEU C 130 -7.06 -6.67 -18.42
C LEU C 130 -6.71 -5.93 -17.14
N ASP C 131 -7.50 -4.93 -16.78
CA ASP C 131 -7.21 -4.14 -15.60
C ASP C 131 -8.02 -4.63 -14.41
N ALA C 132 -8.50 -5.86 -14.49
CA ALA C 132 -9.29 -6.42 -13.41
C ALA C 132 -8.58 -7.65 -12.91
N ILE C 133 -7.60 -8.10 -13.67
CA ILE C 133 -6.79 -9.25 -13.33
C ILE C 133 -5.35 -8.81 -13.06
N GLY C 134 -4.53 -9.71 -12.54
CA GLY C 134 -3.15 -9.35 -12.24
C GLY C 134 -3.02 -8.85 -10.81
N ALA C 135 -1.93 -8.14 -10.52
CA ALA C 135 -1.74 -7.66 -9.18
C ALA C 135 -2.73 -6.53 -9.00
N ILE C 136 -2.91 -5.73 -10.05
CA ILE C 136 -3.83 -4.62 -9.98
C ILE C 136 -5.24 -5.17 -9.87
N GLY C 137 -5.46 -6.31 -10.51
CA GLY C 137 -6.77 -6.95 -10.45
C GLY C 137 -7.08 -7.37 -9.03
N ILE C 138 -6.08 -7.91 -8.34
CA ILE C 138 -6.27 -8.34 -6.96
C ILE C 138 -6.66 -7.14 -6.12
N ALA C 139 -5.87 -6.07 -6.22
CA ALA C 139 -6.12 -4.85 -5.47
C ALA C 139 -7.56 -4.34 -5.67
N ARG C 140 -7.94 -4.10 -6.93
CA ARG C 140 -9.27 -3.60 -7.24
C ARG C 140 -10.32 -4.60 -6.73
N ALA C 141 -10.06 -5.88 -6.91
CA ALA C 141 -10.96 -6.92 -6.44
C ALA C 141 -11.41 -6.71 -4.99
N LEU C 142 -10.44 -6.69 -4.07
CA LEU C 142 -10.70 -6.54 -2.65
C LEU C 142 -10.98 -5.14 -2.17
N TYR C 143 -10.35 -4.16 -2.79
CA TYR C 143 -10.59 -2.79 -2.42
C TYR C 143 -12.13 -2.68 -2.52
N TYR C 144 -12.64 -2.98 -3.71
CA TYR C 144 -14.07 -2.95 -3.96
C TYR C 144 -14.87 -3.69 -2.89
N SER C 145 -14.44 -4.90 -2.55
CA SER C 145 -15.15 -5.69 -1.54
C SER C 145 -15.15 -4.94 -0.21
N GLY C 146 -14.00 -4.40 0.16
CA GLY C 146 -13.90 -3.65 1.40
C GLY C 146 -14.73 -2.37 1.35
N HIS C 147 -15.05 -1.91 0.15
CA HIS C 147 -15.87 -0.71 0.00
C HIS C 147 -17.33 -1.12 0.10
N VAL C 148 -17.56 -2.43 0.22
CA VAL C 148 -18.92 -2.95 0.29
C VAL C 148 -19.17 -3.83 1.53
N GLY C 149 -18.13 -4.09 2.33
CA GLY C 149 -18.33 -4.92 3.52
C GLY C 149 -18.79 -6.32 3.14
N GLU C 150 -18.23 -6.78 2.04
CA GLU C 150 -18.50 -8.09 1.47
C GLU C 150 -17.59 -9.14 2.12
N LYS C 151 -18.13 -10.26 2.55
CA LYS C 151 -17.27 -11.25 3.19
C LYS C 151 -16.12 -11.67 2.27
N ILE C 152 -14.92 -11.41 2.75
CA ILE C 152 -13.71 -11.72 2.03
C ILE C 152 -13.61 -13.20 1.68
N TYR C 153 -13.96 -14.05 2.64
CA TYR C 153 -13.84 -15.46 2.38
C TYR C 153 -14.60 -16.25 3.42
N ASP C 154 -14.92 -17.49 3.10
CA ASP C 154 -15.68 -18.33 4.01
C ASP C 154 -15.50 -19.76 3.54
N PRO C 155 -14.70 -20.56 4.25
CA PRO C 155 -14.53 -21.93 3.78
C PRO C 155 -15.86 -22.69 3.75
N ALA C 156 -16.94 -22.03 4.16
CA ALA C 156 -18.26 -22.66 4.18
C ALA C 156 -19.12 -22.37 2.96
N ILE C 157 -18.68 -21.46 2.11
CA ILE C 157 -19.43 -21.12 0.91
C ILE C 157 -18.55 -21.35 -0.29
N ALA C 158 -18.83 -22.40 -1.06
CA ALA C 158 -18.05 -22.70 -2.25
C ALA C 158 -18.35 -21.70 -3.36
N PRO C 159 -17.45 -21.57 -4.34
CA PRO C 159 -17.71 -20.62 -5.42
C PRO C 159 -18.82 -21.12 -6.35
N ARG C 160 -19.88 -20.33 -6.52
CA ARG C 160 -21.01 -20.70 -7.38
C ARG C 160 -20.65 -21.06 -8.83
N GLU C 161 -20.97 -22.30 -9.23
CA GLU C 161 -20.67 -22.74 -10.59
C GLU C 161 -21.59 -22.03 -11.59
N HIS C 162 -22.64 -22.71 -12.06
CA HIS C 162 -23.52 -22.07 -13.01
C HIS C 162 -24.44 -21.06 -12.34
N MSE C 163 -24.15 -19.78 -12.57
CA MSE C 163 -24.94 -18.69 -12.01
C MSE C 163 -25.92 -18.20 -13.06
O MSE C 163 -26.08 -18.77 -14.13
CB MSE C 163 -24.07 -17.49 -11.67
CG MSE C 163 -23.10 -17.62 -10.54
SE MSE C 163 -22.26 -15.88 -10.39
CE MSE C 163 -21.84 -15.87 -8.55
N THR C 164 -26.58 -17.10 -12.72
CA THR C 164 -27.53 -16.42 -13.59
C THR C 164 -27.14 -14.96 -13.41
N ARG C 165 -27.31 -14.14 -14.44
CA ARG C 165 -26.95 -12.74 -14.31
C ARG C 165 -27.55 -12.13 -13.05
N GLU C 166 -28.81 -12.47 -12.73
CA GLU C 166 -29.45 -11.94 -11.54
C GLU C 166 -28.70 -12.31 -10.27
N GLN C 167 -28.35 -13.59 -10.13
CA GLN C 167 -27.61 -14.03 -8.96
C GLN C 167 -26.30 -13.26 -8.86
N TYR C 168 -25.48 -13.39 -9.90
CA TYR C 168 -24.18 -12.73 -9.96
C TYR C 168 -24.24 -11.26 -9.56
N ARG C 169 -25.29 -10.58 -9.99
CA ARG C 169 -25.48 -9.15 -9.72
C ARG C 169 -26.16 -8.79 -8.39
N HIS C 170 -27.03 -9.66 -7.91
CA HIS C 170 -27.75 -9.42 -6.67
C HIS C 170 -27.25 -10.26 -5.51
N GLN C 171 -27.09 -11.57 -5.71
CA GLN C 171 -26.63 -12.45 -4.64
C GLN C 171 -25.17 -12.17 -4.31
N PRO C 172 -24.86 -12.03 -3.01
CA PRO C 172 -23.50 -11.75 -2.53
C PRO C 172 -22.64 -13.00 -2.31
N GLY C 173 -21.41 -12.97 -2.82
CA GLY C 173 -20.49 -14.09 -2.63
C GLY C 173 -19.29 -13.62 -1.80
N THR C 174 -18.15 -14.27 -1.93
CA THR C 174 -16.99 -13.84 -1.18
C THR C 174 -15.95 -13.29 -2.14
N ALA C 175 -15.20 -12.28 -1.70
CA ALA C 175 -14.20 -11.67 -2.54
C ALA C 175 -13.28 -12.77 -3.09
N ILE C 176 -12.88 -13.70 -2.22
CA ILE C 176 -12.04 -14.76 -2.72
C ILE C 176 -12.77 -15.50 -3.84
N ASN C 177 -14.00 -15.92 -3.59
CA ASN C 177 -14.74 -16.66 -4.61
C ASN C 177 -14.92 -15.91 -5.91
N HIS C 178 -14.66 -14.61 -5.91
CA HIS C 178 -14.84 -13.84 -7.13
C HIS C 178 -13.81 -14.26 -8.15
N PHE C 179 -12.62 -14.56 -7.67
CA PHE C 179 -11.57 -15.00 -8.57
C PHE C 179 -12.05 -16.23 -9.32
N TYR C 180 -12.60 -17.18 -8.57
CA TYR C 180 -13.09 -18.45 -9.12
C TYR C 180 -14.37 -18.33 -9.93
N GLU C 181 -15.11 -17.25 -9.73
CA GLU C 181 -16.36 -17.09 -10.45
C GLU C 181 -16.24 -16.25 -11.71
N LYS C 182 -15.13 -15.54 -11.83
CA LYS C 182 -14.94 -14.66 -12.98
C LYS C 182 -13.50 -14.21 -13.20
N LEU C 183 -12.80 -13.83 -12.14
CA LEU C 183 -11.44 -13.36 -12.30
C LEU C 183 -10.48 -14.39 -12.85
N PHE C 184 -10.78 -15.68 -12.70
CA PHE C 184 -9.88 -16.70 -13.22
C PHE C 184 -10.19 -17.11 -14.65
N LYS C 185 -11.26 -16.57 -15.22
CA LYS C 185 -11.71 -16.93 -16.56
C LYS C 185 -11.41 -15.91 -17.65
N LEU C 186 -11.26 -14.66 -17.24
CA LEU C 186 -11.05 -13.57 -18.20
C LEU C 186 -9.82 -13.67 -19.11
N ALA C 187 -8.83 -14.47 -18.72
CA ALA C 187 -7.62 -14.62 -19.52
C ALA C 187 -7.82 -15.56 -20.71
N ALA C 188 -8.77 -16.47 -20.58
CA ALA C 188 -9.06 -17.42 -21.65
C ALA C 188 -10.28 -16.99 -22.47
N LEU C 189 -10.72 -15.75 -22.28
CA LEU C 189 -11.86 -15.22 -23.00
C LEU C 189 -11.44 -13.90 -23.60
N MSE C 190 -10.17 -13.57 -23.42
CA MSE C 190 -9.60 -12.32 -23.93
C MSE C 190 -9.69 -12.35 -25.46
O MSE C 190 -9.17 -13.25 -26.12
CB MSE C 190 -8.14 -12.20 -23.48
CG MSE C 190 -7.65 -10.76 -23.26
SE MSE C 190 -8.48 -9.83 -21.76
CE MSE C 190 -7.15 -10.18 -20.42
N ASN C 191 -10.37 -11.36 -26.03
CA ASN C 191 -10.62 -11.27 -27.47
C ASN C 191 -9.43 -10.99 -28.38
N THR C 192 -8.70 -9.93 -28.09
CA THR C 192 -7.53 -9.53 -28.86
C THR C 192 -6.59 -10.73 -29.01
N ASP C 193 -5.31 -10.45 -29.14
CA ASP C 193 -4.30 -11.47 -29.27
C ASP C 193 -3.17 -10.99 -28.39
N THR C 194 -2.91 -9.69 -28.49
CA THR C 194 -1.86 -9.06 -27.69
C THR C 194 -2.33 -9.09 -26.24
N ALA C 195 -3.64 -8.99 -26.07
CA ALA C 195 -4.22 -9.02 -24.75
C ALA C 195 -3.94 -10.37 -24.12
N LYS C 196 -4.14 -11.44 -24.90
CA LYS C 196 -3.91 -12.78 -24.40
C LYS C 196 -2.53 -12.96 -23.76
N ALA C 197 -1.48 -12.68 -24.52
CA ALA C 197 -0.12 -12.82 -24.00
C ALA C 197 0.09 -11.92 -22.79
N LEU C 198 -0.78 -10.93 -22.64
CA LEU C 198 -0.68 -10.00 -21.53
C LEU C 198 -1.51 -10.52 -20.35
N ALA C 199 -2.49 -11.36 -20.66
CA ALA C 199 -3.38 -11.94 -19.68
C ALA C 199 -2.70 -13.10 -18.96
N ALA C 200 -1.80 -13.75 -19.68
CA ALA C 200 -1.05 -14.89 -19.16
C ALA C 200 -0.23 -14.54 -17.93
N HIS C 201 0.69 -13.58 -18.08
CA HIS C 201 1.53 -13.20 -16.94
C HIS C 201 0.67 -12.59 -15.83
N ARG C 202 -0.53 -12.16 -16.18
CA ARG C 202 -1.44 -11.58 -15.19
C ARG C 202 -2.36 -12.58 -14.50
N THR C 203 -2.22 -13.86 -14.82
CA THR C 203 -3.04 -14.87 -14.18
C THR C 203 -2.24 -15.64 -13.12
N ALA C 204 -0.95 -15.79 -13.36
CA ALA C 204 -0.09 -16.51 -12.42
C ALA C 204 -0.03 -15.86 -11.03
N VAL C 205 -0.16 -14.53 -10.97
CA VAL C 205 -0.09 -13.83 -9.68
C VAL C 205 -1.36 -14.02 -8.87
N MSE C 206 -2.51 -14.02 -9.54
CA MSE C 206 -3.77 -14.19 -8.84
C MSE C 206 -3.80 -15.52 -8.14
O MSE C 206 -4.35 -15.65 -7.04
CB MSE C 206 -4.93 -14.13 -9.80
CG MSE C 206 -4.82 -12.99 -10.76
SE MSE C 206 -6.52 -12.48 -11.43
CE MSE C 206 -6.69 -10.87 -10.39
N HIS C 207 -3.19 -16.54 -8.76
CA HIS C 207 -3.18 -17.86 -8.15
C HIS C 207 -2.17 -17.88 -7.02
N GLU C 208 -1.07 -17.16 -7.18
CA GLU C 208 -0.06 -17.13 -6.13
C GLU C 208 -0.69 -16.54 -4.87
N PHE C 209 -1.75 -15.75 -5.05
CA PHE C 209 -2.46 -15.08 -3.96
C PHE C 209 -3.61 -15.88 -3.38
N VAL C 210 -4.31 -16.63 -4.22
CA VAL C 210 -5.45 -17.41 -3.75
C VAL C 210 -5.02 -18.66 -3.01
N ASP C 211 -4.07 -19.38 -3.58
CA ASP C 211 -3.59 -20.59 -2.95
C ASP C 211 -2.85 -20.18 -1.70
N GLN C 212 -2.05 -19.13 -1.81
CA GLN C 212 -1.32 -18.61 -0.68
C GLN C 212 -2.30 -18.24 0.43
N PHE C 213 -3.39 -17.60 0.03
CA PHE C 213 -4.44 -17.19 0.95
C PHE C 213 -5.04 -18.36 1.72
N LYS C 214 -5.47 -19.39 1.01
CA LYS C 214 -6.08 -20.56 1.63
C LYS C 214 -5.10 -21.39 2.44
N ALA C 215 -3.85 -21.45 1.97
CA ALA C 215 -2.84 -22.20 2.71
C ALA C 215 -2.72 -21.52 4.08
N GLU C 216 -2.43 -20.22 4.05
CA GLU C 216 -2.29 -19.43 5.27
C GLU C 216 -3.49 -19.60 6.19
N TRP C 217 -4.69 -19.45 5.62
CA TRP C 217 -5.90 -19.57 6.39
C TRP C 217 -6.01 -20.93 7.02
N THR C 218 -5.74 -21.97 6.24
CA THR C 218 -5.82 -23.32 6.77
C THR C 218 -4.78 -23.54 7.86
N ALA C 219 -3.58 -23.02 7.66
CA ALA C 219 -2.52 -23.15 8.64
C ALA C 219 -3.01 -22.57 9.95
N ASP C 220 -3.44 -21.32 9.94
CA ASP C 220 -3.92 -20.69 11.15
C ASP C 220 -4.95 -21.60 11.74
N MSE D 6 -10.50 38.24 37.03
CA MSE D 6 -10.25 37.59 35.71
C MSE D 6 -8.84 36.97 35.69
O MSE D 6 -8.18 36.91 36.73
CB MSE D 6 -10.36 38.63 34.59
CG MSE D 6 -11.67 39.47 34.63
SE MSE D 6 -13.34 38.55 34.14
CE MSE D 6 -13.78 37.78 35.87
N ILE D 7 -8.40 36.49 34.54
CA ILE D 7 -7.08 35.87 34.40
C ILE D 7 -5.94 36.78 34.88
N THR D 8 -5.22 36.34 35.91
CA THR D 8 -4.12 37.14 36.46
C THR D 8 -2.92 37.16 35.52
N GLU D 9 -2.08 38.16 35.70
CA GLU D 9 -0.90 38.32 34.85
C GLU D 9 0.22 37.35 35.21
N THR D 10 0.10 36.69 36.35
CA THR D 10 1.10 35.73 36.78
C THR D 10 0.74 34.36 36.24
N GLN D 11 -0.57 34.18 35.98
CA GLN D 11 -1.06 32.93 35.41
C GLN D 11 -0.84 33.03 33.90
N LEU D 12 -0.80 34.25 33.38
CA LEU D 12 -0.60 34.46 31.96
C LEU D 12 0.86 34.22 31.62
N THR D 13 1.74 34.92 32.33
CA THR D 13 3.16 34.77 32.09
C THR D 13 3.51 33.32 32.31
N ALA D 14 2.65 32.63 33.06
CA ALA D 14 2.83 31.21 33.33
C ALA D 14 2.50 30.41 32.09
N ILE D 15 1.28 30.57 31.58
CA ILE D 15 0.82 29.86 30.39
C ILE D 15 1.78 30.01 29.21
N GLN D 16 2.31 31.21 29.02
CA GLN D 16 3.29 31.50 27.96
C GLN D 16 4.36 30.43 28.08
N THR D 17 4.91 30.31 29.29
CA THR D 17 5.95 29.33 29.57
C THR D 17 5.51 27.91 29.18
N TYR D 18 4.33 27.51 29.66
CA TYR D 18 3.79 26.18 29.36
C TYR D 18 3.57 25.93 27.87
N ALA D 19 3.11 26.96 27.17
CA ALA D 19 2.85 26.87 25.75
C ALA D 19 4.15 26.89 24.96
N LEU D 20 5.12 27.65 25.44
CA LEU D 20 6.40 27.74 24.75
C LEU D 20 7.06 26.36 24.67
N GLN D 21 7.29 25.76 25.82
CA GLN D 21 7.91 24.45 25.90
C GLN D 21 7.14 23.37 25.13
N LYS D 22 5.82 23.33 25.32
CA LYS D 22 4.97 22.35 24.63
C LYS D 22 5.19 22.29 23.13
N LEU D 23 5.30 23.45 22.50
CA LEU D 23 5.51 23.48 21.06
C LEU D 23 7.01 23.45 20.77
N ALA D 24 7.81 23.49 21.83
CA ALA D 24 9.24 23.42 21.67
C ALA D 24 9.38 22.01 21.09
N HIS D 25 10.36 21.81 20.23
CA HIS D 25 10.53 20.52 19.60
C HIS D 25 9.39 20.50 18.59
N ASP D 26 9.26 21.59 17.85
CA ASP D 26 8.21 21.76 16.85
C ASP D 26 8.69 21.33 15.47
N HIS D 27 9.22 22.28 14.70
CA HIS D 27 9.72 22.04 13.36
C HIS D 27 8.57 21.89 12.37
N SER D 28 7.51 22.66 12.58
CA SER D 28 6.34 22.64 11.70
C SER D 28 5.78 24.04 11.47
N GLY D 29 6.53 25.06 11.88
CA GLY D 29 6.09 26.42 11.69
C GLY D 29 5.13 26.99 12.71
N HIS D 30 4.81 26.20 13.72
CA HIS D 30 3.92 26.62 14.78
C HIS D 30 4.76 26.76 16.05
N GLY D 31 5.92 27.41 15.91
CA GLY D 31 6.82 27.57 17.05
C GLY D 31 6.96 28.96 17.67
N ARG D 32 8.03 29.13 18.43
CA ARG D 32 8.31 30.39 19.11
C ARG D 32 8.19 31.67 18.29
N ASP D 33 8.54 31.62 17.00
CA ASP D 33 8.44 32.80 16.15
C ASP D 33 6.99 33.03 15.79
N HIS D 34 6.26 31.95 15.58
CA HIS D 34 4.85 32.00 15.25
C HIS D 34 4.02 32.42 16.48
N LEU D 35 4.22 31.75 17.61
CA LEU D 35 3.48 32.06 18.84
C LEU D 35 3.76 33.47 19.32
N GLN D 36 4.89 34.03 18.92
CA GLN D 36 5.21 35.38 19.34
C GLN D 36 4.52 36.42 18.47
N ARG D 37 4.75 36.34 17.17
CA ARG D 37 4.11 37.27 16.25
C ARG D 37 2.61 37.24 16.48
N VAL D 38 2.06 36.08 16.78
CA VAL D 38 0.62 35.99 16.99
C VAL D 38 0.24 36.64 18.32
N ASN D 39 1.12 36.51 19.29
CA ASN D 39 0.92 37.05 20.63
C ASN D 39 0.83 38.58 20.62
N ARG D 40 1.75 39.19 19.87
CA ARG D 40 1.82 40.65 19.75
C ARG D 40 0.78 41.19 18.78
N LEU D 41 0.41 40.37 17.81
CA LEU D 41 -0.62 40.75 16.85
C LEU D 41 -1.91 40.78 17.63
N ALA D 42 -2.06 39.81 18.53
CA ALA D 42 -3.26 39.69 19.37
C ALA D 42 -3.38 40.82 20.40
N ARG D 43 -2.26 41.17 21.01
CA ARG D 43 -2.20 42.24 22.01
C ARG D 43 -2.61 43.56 21.37
N ARG D 44 -2.09 43.82 20.17
CA ARG D 44 -2.41 45.05 19.46
C ARG D 44 -3.83 45.06 18.92
N LEU D 45 -4.42 43.89 18.71
CA LEU D 45 -5.77 43.81 18.19
C LEU D 45 -6.84 43.66 19.27
N ALA D 46 -6.43 43.73 20.53
CA ALA D 46 -7.37 43.63 21.65
C ALA D 46 -7.53 45.05 22.19
N LYS D 47 -6.41 45.76 22.33
CA LYS D 47 -6.39 47.13 22.83
C LYS D 47 -7.14 48.09 21.90
N ASP D 48 -7.41 47.65 20.67
CA ASP D 48 -8.16 48.46 19.72
C ASP D 48 -9.65 48.26 19.98
N GLU D 49 -9.98 47.03 20.39
CA GLU D 49 -11.37 46.68 20.66
C GLU D 49 -11.71 46.69 22.16
N GLY D 50 -10.69 46.77 23.00
CA GLY D 50 -10.92 46.78 24.44
C GLY D 50 -11.23 45.40 25.00
N ALA D 51 -10.90 44.36 24.23
CA ALA D 51 -11.14 42.98 24.64
C ALA D 51 -10.45 42.68 25.98
N ASN D 52 -10.51 41.44 26.43
CA ASN D 52 -9.88 41.06 27.70
C ASN D 52 -8.47 40.59 27.42
N LEU D 53 -7.54 41.54 27.37
CA LEU D 53 -6.14 41.27 27.09
C LEU D 53 -5.64 39.90 27.56
N ASN D 54 -5.78 39.63 28.86
CA ASN D 54 -5.29 38.36 29.42
C ASN D 54 -6.06 37.09 29.11
N LEU D 55 -7.34 37.20 28.76
CA LEU D 55 -8.11 36.01 28.42
C LEU D 55 -7.79 35.72 26.95
N THR D 56 -7.52 36.78 26.20
CA THR D 56 -7.21 36.69 24.77
C THR D 56 -5.83 36.08 24.53
N LEU D 57 -4.82 36.63 25.20
CA LEU D 57 -3.45 36.13 25.06
C LEU D 57 -3.36 34.69 25.51
N ALA D 58 -4.02 34.40 26.63
CA ALA D 58 -4.02 33.05 27.19
C ALA D 58 -4.58 32.06 26.16
N ALA D 59 -5.61 32.50 25.44
CA ALA D 59 -6.23 31.67 24.43
C ALA D 59 -5.34 31.62 23.19
N ALA D 60 -4.61 32.72 22.96
CA ALA D 60 -3.70 32.85 21.83
C ALA D 60 -2.41 32.06 21.99
N TRP D 61 -2.17 31.52 23.18
CA TRP D 61 -0.98 30.71 23.41
C TRP D 61 -1.33 29.24 23.27
N LEU D 62 -2.38 28.85 23.98
CA LEU D 62 -2.86 27.48 24.01
C LEU D 62 -3.53 26.93 22.74
N HIS D 63 -3.87 27.80 21.79
CA HIS D 63 -4.52 27.32 20.56
C HIS D 63 -3.72 26.22 19.88
N ASP D 64 -2.52 26.55 19.42
CA ASP D 64 -1.67 25.58 18.75
C ASP D 64 -1.14 24.57 19.75
N VAL D 65 -1.71 24.59 20.95
CA VAL D 65 -1.31 23.68 22.01
C VAL D 65 -2.25 22.48 22.12
N ILE D 66 -3.40 22.55 21.45
CA ILE D 66 -4.34 21.45 21.49
C ILE D 66 -4.72 20.88 20.11
N ASP D 67 -5.17 21.74 19.21
CA ASP D 67 -5.59 21.38 17.85
C ASP D 67 -5.57 19.92 17.40
N ALA D 77 -4.01 15.94 25.17
CA ALA D 77 -3.81 17.38 25.16
C ALA D 77 -4.79 18.01 26.14
N HIS D 78 -6.07 17.84 25.90
CA HIS D 78 -7.10 18.38 26.78
C HIS D 78 -6.80 18.02 28.22
N GLN D 79 -6.72 16.71 28.48
CA GLN D 79 -6.43 16.19 29.82
C GLN D 79 -5.38 16.98 30.60
N ASP D 80 -4.17 17.06 30.04
CA ASP D 80 -3.07 17.77 30.69
C ASP D 80 -3.39 19.23 31.01
N LEU D 81 -3.97 19.94 30.04
CA LEU D 81 -4.29 21.35 30.23
C LEU D 81 -5.20 21.64 31.42
N ILE D 82 -6.30 20.90 31.54
CA ILE D 82 -7.23 21.12 32.64
C ILE D 82 -6.51 21.00 33.99
N VAL D 83 -5.38 20.29 34.02
CA VAL D 83 -4.63 20.12 35.26
C VAL D 83 -3.58 21.21 35.49
N GLN D 84 -2.82 21.56 34.45
CA GLN D 84 -1.82 22.62 34.59
C GLN D 84 -2.56 23.88 34.99
N LEU D 85 -3.78 24.01 34.51
CA LEU D 85 -4.61 25.16 34.81
C LEU D 85 -5.09 25.18 36.26
N ASN D 86 -5.67 24.07 36.69
CA ASN D 86 -6.20 23.92 38.05
C ASN D 86 -5.16 24.24 39.07
N ALA D 87 -3.94 24.00 38.66
CA ALA D 87 -2.82 24.18 39.51
C ALA D 87 -2.46 25.58 39.44
N GLN D 88 -3.15 26.37 38.63
CA GLN D 88 -2.49 27.63 38.37
C GLN D 88 -3.03 28.83 39.00
N ASN D 89 -4.25 28.50 38.90
CA ASN D 89 -5.21 28.66 40.01
C ASN D 89 -6.43 28.84 39.69
N VAL D 90 -6.29 28.90 38.33
CA VAL D 90 -7.29 29.06 37.27
C VAL D 90 -8.67 28.36 37.26
N THR D 91 -9.45 29.35 37.35
CA THR D 91 -10.90 29.19 37.37
C THR D 91 -11.44 28.10 36.38
N GLN D 95 -11.18 29.17 32.85
CA GLN D 95 -10.68 28.04 32.11
C GLN D 95 -11.64 27.47 31.07
N THR D 96 -12.87 27.19 31.49
CA THR D 96 -13.86 26.66 30.59
C THR D 96 -14.01 27.66 29.44
N ALA D 97 -13.26 28.74 29.46
CA ALA D 97 -13.49 29.66 28.40
C ALA D 97 -12.32 29.70 27.43
N ILE D 98 -11.11 29.72 27.95
CA ILE D 98 -10.00 29.67 27.02
C ILE D 98 -10.31 28.47 26.09
N PHE D 99 -11.29 27.65 26.47
CA PHE D 99 -11.69 26.49 25.67
C PHE D 99 -12.72 26.97 24.66
N ALA D 100 -13.77 27.62 25.17
CA ALA D 100 -14.85 28.14 24.33
C ALA D 100 -14.25 28.75 23.06
N ILE D 101 -13.24 29.60 23.26
CA ILE D 101 -12.56 30.26 22.15
C ILE D 101 -11.70 29.29 21.34
N ILE D 102 -10.65 28.81 21.97
CA ILE D 102 -9.71 27.89 21.34
C ILE D 102 -10.37 26.70 20.63
N ASP D 103 -11.64 26.43 20.94
CA ASP D 103 -12.33 25.30 20.34
C ASP D 103 -13.48 25.60 19.36
N HIS D 104 -13.82 26.87 19.16
CA HIS D 104 -14.89 27.25 18.23
C HIS D 104 -14.40 28.28 17.22
N MSE D 105 -13.15 28.13 16.78
CA MSE D 105 -12.58 29.08 15.83
C MSE D 105 -11.82 28.44 14.69
O MSE D 105 -11.91 28.89 13.54
CB MSE D 105 -11.64 30.01 16.57
CG MSE D 105 -10.51 29.26 17.24
SE MSE D 105 -9.11 30.44 17.75
CE MSE D 105 -8.25 30.65 16.04
N SER D 106 -11.06 27.38 14.99
CA SER D 106 -10.27 26.68 13.97
C SER D 106 -11.14 26.40 12.76
N PHE D 107 -10.58 26.68 11.58
CA PHE D 107 -11.27 26.49 10.30
C PHE D 107 -12.11 25.23 10.19
N SER D 108 -11.49 24.07 10.36
CA SER D 108 -12.17 22.78 10.28
C SER D 108 -13.59 22.87 10.85
N LYS D 109 -13.71 23.54 11.99
CA LYS D 109 -15.00 23.70 12.67
C LYS D 109 -16.00 24.52 11.85
N SER D 110 -15.50 25.29 10.89
CA SER D 110 -16.35 26.13 10.04
C SER D 110 -17.12 25.33 9.00
N PHE D 111 -16.67 24.11 8.72
CA PHE D 111 -17.34 23.27 7.74
C PHE D 111 -18.57 22.64 8.35
N ASN D 112 -18.75 22.84 9.65
CA ASN D 112 -19.91 22.32 10.37
C ASN D 112 -21.03 23.36 10.29
N GLY D 113 -20.63 24.62 10.17
CA GLY D 113 -21.56 25.73 10.11
C GLY D 113 -20.90 26.91 10.81
N PRO D 114 -21.48 28.12 10.75
CA PRO D 114 -20.87 29.27 11.42
C PRO D 114 -20.97 29.24 12.96
N GLN D 115 -19.81 29.31 13.62
CA GLN D 115 -19.78 29.30 15.09
C GLN D 115 -19.52 30.73 15.59
N LYS D 116 -20.46 31.23 16.39
CA LYS D 116 -20.35 32.57 16.95
C LYS D 116 -19.12 32.65 17.84
N LEU D 117 -18.63 33.87 18.07
CA LEU D 117 -17.44 34.04 18.90
C LEU D 117 -17.44 35.32 19.72
N SER D 118 -16.78 35.26 20.87
CA SER D 118 -16.66 36.39 21.79
C SER D 118 -15.85 37.50 21.16
N LEU D 119 -15.64 38.59 21.89
CA LEU D 119 -14.83 39.67 21.35
C LEU D 119 -13.41 39.13 21.26
N GLU D 120 -12.87 38.74 22.41
CA GLU D 120 -11.53 38.18 22.47
C GLU D 120 -11.36 37.04 21.47
N GLY D 121 -12.31 36.10 21.47
CA GLY D 121 -12.26 35.00 20.54
C GLY D 121 -11.97 35.51 19.14
N GLN D 122 -12.80 36.42 18.67
CA GLN D 122 -12.64 37.00 17.36
C GLN D 122 -11.27 37.64 17.23
N VAL D 123 -10.75 38.14 18.35
CA VAL D 123 -9.43 38.75 18.37
C VAL D 123 -8.36 37.66 18.30
N VAL D 124 -8.64 36.53 18.96
CA VAL D 124 -7.70 35.42 18.97
C VAL D 124 -7.64 34.82 17.57
N GLN D 125 -8.76 34.88 16.88
CA GLN D 125 -8.85 34.33 15.53
C GLN D 125 -8.00 35.15 14.56
N ASP D 126 -8.12 36.48 14.66
CA ASP D 126 -7.36 37.38 13.81
C ASP D 126 -5.87 37.28 14.04
N ALA D 127 -5.47 37.21 15.30
CA ALA D 127 -4.05 37.10 15.62
C ALA D 127 -3.47 35.88 14.89
N ASP D 128 -4.05 34.72 15.20
CA ASP D 128 -3.67 33.44 14.62
C ASP D 128 -3.82 33.40 13.09
N ARG D 129 -4.94 33.89 12.58
CA ARG D 129 -5.18 33.87 11.14
C ARG D 129 -4.25 34.79 10.32
N LEU D 130 -3.98 36.01 10.80
CA LEU D 130 -3.11 36.94 10.08
C LEU D 130 -1.75 36.32 9.74
N ASP D 131 -1.24 35.48 10.64
CA ASP D 131 0.06 34.85 10.44
C ASP D 131 -0.01 33.66 9.49
N ALA D 132 -1.22 33.25 9.13
CA ALA D 132 -1.40 32.14 8.21
C ALA D 132 -1.48 32.67 6.79
N ILE D 133 -1.35 33.99 6.63
CA ILE D 133 -1.40 34.58 5.31
C ILE D 133 -0.26 35.58 5.06
N GLY D 134 -0.17 36.04 3.81
CA GLY D 134 0.87 36.98 3.42
C GLY D 134 2.12 36.18 3.06
N ALA D 135 3.21 36.86 2.69
CA ALA D 135 4.42 36.13 2.36
C ALA D 135 4.76 35.20 3.52
N ILE D 136 4.29 35.55 4.71
CA ILE D 136 4.57 34.72 5.87
C ILE D 136 3.78 33.43 5.83
N GLY D 137 2.46 33.54 5.66
CA GLY D 137 1.62 32.36 5.59
C GLY D 137 2.12 31.43 4.49
N ILE D 138 2.57 32.03 3.38
CA ILE D 138 3.11 31.22 2.29
C ILE D 138 4.30 30.48 2.85
N ALA D 139 5.26 31.25 3.37
CA ALA D 139 6.48 30.69 3.95
C ALA D 139 6.19 29.48 4.84
N ARG D 140 5.32 29.66 5.81
CA ARG D 140 4.97 28.58 6.73
C ARG D 140 4.19 27.49 6.03
N ALA D 141 3.20 27.89 5.24
CA ALA D 141 2.37 26.93 4.52
C ALA D 141 3.22 25.86 3.88
N LEU D 142 4.28 26.26 3.19
CA LEU D 142 5.14 25.30 2.53
C LEU D 142 6.19 24.76 3.46
N TYR D 143 6.38 25.45 4.58
CA TYR D 143 7.33 24.98 5.55
C TYR D 143 6.67 23.78 6.21
N TYR D 144 5.37 23.88 6.47
CA TYR D 144 4.62 22.81 7.08
C TYR D 144 4.58 21.57 6.18
N SER D 145 4.23 21.78 4.91
CA SER D 145 4.14 20.68 3.96
C SER D 145 5.45 19.93 3.77
N GLY D 146 6.57 20.64 3.87
CA GLY D 146 7.85 19.97 3.73
C GLY D 146 8.05 19.02 4.91
N HIS D 147 7.76 19.51 6.11
CA HIS D 147 7.90 18.73 7.35
C HIS D 147 7.01 17.50 7.38
N VAL D 148 5.87 17.60 6.73
CA VAL D 148 4.92 16.50 6.67
C VAL D 148 5.06 15.78 5.32
N GLY D 149 6.10 16.15 4.58
CA GLY D 149 6.32 15.55 3.26
C GLY D 149 5.03 15.52 2.46
N GLU D 150 4.31 16.63 2.49
CA GLU D 150 3.04 16.75 1.79
C GLU D 150 3.26 17.04 0.31
N LYS D 151 2.35 16.60 -0.55
CA LYS D 151 2.54 16.87 -1.97
C LYS D 151 2.28 18.34 -2.21
N ILE D 152 3.26 19.06 -2.77
CA ILE D 152 3.05 20.47 -3.01
C ILE D 152 1.88 20.68 -3.98
N TYR D 153 2.04 20.19 -5.20
CA TYR D 153 1.00 20.42 -6.19
C TYR D 153 0.62 19.20 -7.03
N ASP D 154 -0.62 19.21 -7.52
CA ASP D 154 -1.12 18.15 -8.39
C ASP D 154 -2.39 18.64 -9.08
N PRO D 155 -2.28 19.06 -10.34
CA PRO D 155 -3.44 19.56 -11.10
C PRO D 155 -4.57 18.55 -11.12
N ALA D 156 -4.19 17.28 -11.24
CA ALA D 156 -5.16 16.20 -11.27
C ALA D 156 -6.00 16.23 -9.99
N ILE D 157 -5.46 16.85 -8.94
CA ILE D 157 -6.17 16.95 -7.66
C ILE D 157 -6.76 18.34 -7.45
N ALA D 158 -7.88 18.61 -8.09
CA ALA D 158 -8.53 19.91 -7.96
C ALA D 158 -8.97 20.16 -6.52
N PRO D 159 -8.84 21.42 -6.03
CA PRO D 159 -9.23 21.77 -4.66
C PRO D 159 -10.65 21.34 -4.31
N ARG D 160 -10.88 21.10 -3.02
CA ARG D 160 -12.18 20.66 -2.52
C ARG D 160 -13.19 21.77 -2.31
N GLU D 161 -14.30 21.65 -3.03
CA GLU D 161 -15.39 22.63 -2.98
C GLU D 161 -16.19 22.63 -1.69
N HIS D 162 -16.68 21.47 -1.28
CA HIS D 162 -17.50 21.37 -0.08
C HIS D 162 -16.91 20.38 0.90
N MSE D 163 -15.96 20.84 1.72
CA MSE D 163 -15.29 19.98 2.68
C MSE D 163 -16.01 19.78 4.00
O MSE D 163 -16.77 20.63 4.46
CB MSE D 163 -13.90 20.52 2.99
CG MSE D 163 -12.97 20.53 1.80
SE MSE D 163 -11.19 20.92 2.38
CE MSE D 163 -10.66 19.14 2.88
N THR D 164 -15.78 18.62 4.60
CA THR D 164 -16.36 18.27 5.87
C THR D 164 -15.24 18.30 6.90
N ARG D 165 -15.57 18.67 8.14
CA ARG D 165 -14.58 18.72 9.20
C ARG D 165 -13.65 17.53 9.08
N GLU D 166 -14.16 16.43 8.56
CA GLU D 166 -13.38 15.22 8.39
C GLU D 166 -12.61 15.18 7.06
N GLN D 167 -13.24 15.59 5.96
CA GLN D 167 -12.54 15.60 4.67
C GLN D 167 -11.30 16.44 4.92
N TYR D 168 -11.51 17.50 5.70
CA TYR D 168 -10.46 18.46 6.04
C TYR D 168 -9.53 18.01 7.16
N ARG D 169 -9.96 17.05 7.97
CA ARG D 169 -9.13 16.61 9.08
C ARG D 169 -8.46 15.25 8.87
N HIS D 170 -8.94 14.49 7.90
CA HIS D 170 -8.37 13.18 7.59
C HIS D 170 -7.75 13.18 6.21
N GLN D 171 -8.60 13.18 5.19
CA GLN D 171 -8.17 13.18 3.80
C GLN D 171 -7.15 14.29 3.56
N PRO D 172 -5.99 13.96 3.00
CA PRO D 172 -4.97 14.97 2.74
C PRO D 172 -4.91 15.47 1.30
N GLY D 173 -4.37 16.67 1.12
CA GLY D 173 -4.27 17.27 -0.20
C GLY D 173 -2.95 17.98 -0.48
N THR D 174 -2.89 18.68 -1.60
CA THR D 174 -1.71 19.40 -2.02
C THR D 174 -1.51 20.73 -1.29
N ALA D 175 -0.25 21.17 -1.17
CA ALA D 175 0.07 22.43 -0.51
C ALA D 175 -0.60 23.58 -1.21
N ILE D 176 -0.72 23.48 -2.53
CA ILE D 176 -1.38 24.54 -3.28
C ILE D 176 -2.84 24.60 -2.85
N ASN D 177 -3.59 23.54 -3.11
CA ASN D 177 -4.99 23.49 -2.76
C ASN D 177 -5.31 24.06 -1.38
N HIS D 178 -4.39 23.91 -0.43
CA HIS D 178 -4.65 24.43 0.91
C HIS D 178 -5.04 25.89 0.82
N PHE D 179 -4.43 26.59 -0.13
CA PHE D 179 -4.70 28.01 -0.34
C PHE D 179 -6.16 28.19 -0.75
N TYR D 180 -6.56 27.42 -1.74
CA TYR D 180 -7.92 27.46 -2.28
C TYR D 180 -8.91 27.01 -1.23
N GLU D 181 -8.51 26.06 -0.40
CA GLU D 181 -9.41 25.52 0.61
C GLU D 181 -9.45 26.24 1.95
N LYS D 182 -8.52 27.16 2.20
CA LYS D 182 -8.55 27.84 3.49
C LYS D 182 -7.99 29.26 3.55
N LEU D 183 -6.74 29.45 3.13
CA LEU D 183 -6.11 30.75 3.19
C LEU D 183 -6.84 31.85 2.44
N PHE D 184 -7.10 31.61 1.16
CA PHE D 184 -7.79 32.57 0.33
C PHE D 184 -9.06 33.10 0.95
N LYS D 185 -9.55 32.43 1.98
CA LYS D 185 -10.80 32.83 2.62
C LYS D 185 -10.60 33.62 3.89
N LEU D 186 -9.59 33.24 4.66
CA LEU D 186 -9.28 33.89 5.92
C LEU D 186 -9.55 35.40 5.97
N ALA D 187 -8.79 36.16 5.20
CA ALA D 187 -8.90 37.62 5.16
C ALA D 187 -10.34 38.08 5.20
N ALA D 188 -11.18 37.38 4.46
CA ALA D 188 -12.60 37.71 4.37
C ALA D 188 -13.30 37.50 5.71
N LEU D 189 -12.95 36.43 6.41
CA LEU D 189 -13.59 36.12 7.69
C LEU D 189 -12.90 36.82 8.86
N MSE D 190 -12.10 37.82 8.53
CA MSE D 190 -11.37 38.57 9.55
C MSE D 190 -12.43 39.29 10.41
O MSE D 190 -13.56 39.50 9.96
CB MSE D 190 -10.42 39.55 8.86
CG MSE D 190 -9.14 39.90 9.61
SE MSE D 190 -7.89 38.45 9.97
CE MSE D 190 -7.55 37.77 8.18
N ASN D 191 -12.08 39.66 11.64
CA ASN D 191 -13.04 40.33 12.53
C ASN D 191 -12.75 41.80 12.83
N THR D 192 -11.55 42.09 13.34
CA THR D 192 -11.16 43.45 13.70
C THR D 192 -10.99 44.41 12.51
N ASP D 193 -11.09 45.70 12.79
CA ASP D 193 -10.92 46.73 11.75
C ASP D 193 -9.46 46.71 11.31
N THR D 194 -8.57 46.91 12.28
CA THR D 194 -7.13 46.94 12.04
C THR D 194 -6.70 45.60 11.45
N ALA D 195 -7.43 44.55 11.79
CA ALA D 195 -7.14 43.23 11.27
C ALA D 195 -7.48 43.20 9.77
N LYS D 196 -8.75 43.45 9.45
CA LYS D 196 -9.20 43.46 8.06
C LYS D 196 -8.26 44.30 7.23
N ALA D 197 -8.04 45.54 7.65
CA ALA D 197 -7.16 46.41 6.91
C ALA D 197 -5.88 45.64 6.59
N LEU D 198 -5.26 45.11 7.65
CA LEU D 198 -4.03 44.33 7.62
C LEU D 198 -4.00 43.12 6.65
N ALA D 199 -5.12 42.43 6.56
CA ALA D 199 -5.22 41.26 5.69
C ALA D 199 -5.42 41.64 4.23
N ALA D 200 -5.45 42.94 3.96
CA ALA D 200 -5.64 43.42 2.60
C ALA D 200 -4.39 43.31 1.76
N HIS D 201 -3.26 43.82 2.25
CA HIS D 201 -2.04 43.71 1.45
C HIS D 201 -1.41 42.36 1.64
N ARG D 202 -2.15 41.45 2.26
CA ARG D 202 -1.62 40.13 2.48
C ARG D 202 -2.38 39.11 1.69
N THR D 203 -3.06 39.54 0.63
CA THR D 203 -3.84 38.63 -0.18
C THR D 203 -3.37 38.53 -1.62
N ALA D 204 -2.79 39.61 -2.13
CA ALA D 204 -2.33 39.59 -3.50
C ALA D 204 -1.18 38.62 -3.66
N VAL D 205 -0.24 38.68 -2.72
CA VAL D 205 0.95 37.84 -2.72
C VAL D 205 0.64 36.35 -2.87
N MSE D 206 -0.32 35.84 -2.10
CA MSE D 206 -0.70 34.44 -2.16
C MSE D 206 -1.26 34.15 -3.54
O MSE D 206 -0.89 33.18 -4.19
CB MSE D 206 -1.75 34.12 -1.10
CG MSE D 206 -1.43 34.67 0.27
SE MSE D 206 -2.67 34.02 1.63
CE MSE D 206 -1.41 32.98 2.64
N HIS D 207 -2.17 34.99 -3.99
CA HIS D 207 -2.71 34.76 -5.30
C HIS D 207 -1.62 35.02 -6.33
N GLU D 208 -0.67 35.89 -6.01
CA GLU D 208 0.42 36.16 -6.94
C GLU D 208 1.31 34.92 -6.99
N PHE D 209 1.45 34.30 -5.83
CA PHE D 209 2.24 33.10 -5.67
C PHE D 209 1.56 31.92 -6.34
N VAL D 210 0.28 31.74 -6.01
CA VAL D 210 -0.51 30.64 -6.52
C VAL D 210 -0.59 30.63 -8.02
N ASP D 211 -0.88 31.78 -8.61
CA ASP D 211 -1.00 31.88 -10.05
C ASP D 211 0.35 31.55 -10.67
N GLN D 212 1.36 32.32 -10.26
CA GLN D 212 2.71 32.12 -10.77
C GLN D 212 3.12 30.65 -10.69
N PHE D 213 2.92 30.03 -9.53
CA PHE D 213 3.26 28.63 -9.37
C PHE D 213 2.62 27.76 -10.45
N LYS D 214 1.32 27.95 -10.69
CA LYS D 214 0.58 27.18 -11.68
C LYS D 214 1.15 27.42 -13.09
N ALA D 215 1.48 28.66 -13.39
CA ALA D 215 2.04 28.99 -14.69
C ALA D 215 3.40 28.34 -14.90
N GLU D 216 4.32 28.55 -13.97
CA GLU D 216 5.64 27.97 -14.12
C GLU D 216 5.49 26.48 -14.32
N TRP D 217 4.55 25.89 -13.58
CA TRP D 217 4.31 24.48 -13.71
C TRP D 217 3.91 24.24 -15.16
N THR D 218 2.95 25.03 -15.64
CA THR D 218 2.49 24.92 -17.02
C THR D 218 3.62 25.15 -18.02
N ALA D 219 4.17 26.35 -18.03
CA ALA D 219 5.25 26.71 -18.94
C ALA D 219 6.18 25.52 -19.14
N ASP D 220 6.54 24.85 -18.04
CA ASP D 220 7.42 23.68 -18.12
C ASP D 220 6.72 22.39 -18.51
#